data_1MV1
# 
_entry.id   1MV1 
# 
_audit_conform.dict_name       mmcif_pdbx.dic 
_audit_conform.dict_version    5.392 
_audit_conform.dict_location   http://mmcif.pdb.org/dictionaries/ascii/mmcif_pdbx.dic 
# 
loop_
_database_2.database_id 
_database_2.database_code 
_database_2.pdbx_database_accession 
_database_2.pdbx_DOI 
PDB   1MV1         pdb_00001mv1 10.2210/pdb1mv1/pdb 
RCSB  RCSB017205   ?            ?                   
WWPDB D_1000017205 ?            ?                   
# 
loop_
_pdbx_audit_revision_history.ordinal 
_pdbx_audit_revision_history.data_content_type 
_pdbx_audit_revision_history.major_revision 
_pdbx_audit_revision_history.minor_revision 
_pdbx_audit_revision_history.revision_date 
1 'Structure model' 1 0 2002-12-18 
2 'Structure model' 1 1 2008-04-28 
3 'Structure model' 1 2 2011-07-13 
4 'Structure model' 1 3 2022-02-23 
5 'Structure model' 1 4 2024-05-22 
# 
_pdbx_audit_revision_details.ordinal             1 
_pdbx_audit_revision_details.revision_ordinal    1 
_pdbx_audit_revision_details.data_content_type   'Structure model' 
_pdbx_audit_revision_details.provider            repository 
_pdbx_audit_revision_details.type                'Initial release' 
_pdbx_audit_revision_details.description         ? 
_pdbx_audit_revision_details.details             ? 
# 
loop_
_pdbx_audit_revision_group.ordinal 
_pdbx_audit_revision_group.revision_ordinal 
_pdbx_audit_revision_group.data_content_type 
_pdbx_audit_revision_group.group 
1 2 'Structure model' 'Version format compliance' 
2 3 'Structure model' 'Version format compliance' 
3 4 'Structure model' 'Data collection'           
4 4 'Structure model' 'Database references'       
5 4 'Structure model' 'Derived calculations'      
6 5 'Structure model' 'Data collection'           
# 
loop_
_pdbx_audit_revision_category.ordinal 
_pdbx_audit_revision_category.revision_ordinal 
_pdbx_audit_revision_category.data_content_type 
_pdbx_audit_revision_category.category 
1 4 'Structure model' database_2            
2 4 'Structure model' pdbx_nmr_software     
3 4 'Structure model' pdbx_struct_assembly  
4 4 'Structure model' pdbx_struct_oper_list 
5 4 'Structure model' struct_conn           
6 5 'Structure model' chem_comp_atom        
7 5 'Structure model' chem_comp_bond        
# 
loop_
_pdbx_audit_revision_item.ordinal 
_pdbx_audit_revision_item.revision_ordinal 
_pdbx_audit_revision_item.data_content_type 
_pdbx_audit_revision_item.item 
1 4 'Structure model' '_database_2.pdbx_DOI'                
2 4 'Structure model' '_database_2.pdbx_database_accession' 
3 4 'Structure model' '_pdbx_nmr_software.name'             
4 4 'Structure model' '_struct_conn.pdbx_leaving_atom_flag' 
# 
_pdbx_database_status.status_code                     REL 
_pdbx_database_status.entry_id                        1MV1 
_pdbx_database_status.recvd_initial_deposition_date   2002-09-24 
_pdbx_database_status.deposit_site                    RCSB 
_pdbx_database_status.process_site                    RCSB 
_pdbx_database_status.status_code_mr                  REL 
_pdbx_database_status.SG_entry                        . 
_pdbx_database_status.pdb_format_compatible           Y 
_pdbx_database_status.status_code_sf                  ? 
_pdbx_database_status.status_code_cs                  ? 
_pdbx_database_status.status_code_nmr_data            ? 
_pdbx_database_status.methods_development_category    ? 
# 
loop_
_pdbx_database_related.db_name 
_pdbx_database_related.db_id 
_pdbx_database_related.details 
_pdbx_database_related.content_type 
PDB 1YFV 'Tandem, sheared GA pairs in the same stem, determined by  2D NMR'                                          unspecified 
PDB 1GID 'Tandem, sheared AA pairs in the J4/5 loop of Tetrahymena thermophila, determined by x-ray crystallography' unspecified 
PDB 1MUV '1mUV is The tandem, sheared AA Pairs with same stem'                                                       unspecified 
PDB 1MV2 
;1mv2 is The tandem, Face-to-Face AP Pairs in 5'(rGGCAPGCCU)2
;
unspecified 
PDB 1MV6 
;1mv6 is The tandem, Sheared PP Pairs in 5'(rGGCPPGCCU)2
;
unspecified 
# 
loop_
_audit_author.name 
_audit_author.pdbx_ordinal 
'Znosko, B.M.'  1 
'Burkard, M.E.' 2 
'Krugh, T.R.'   3 
'Turner, D.H.'  4 
# 
loop_
_citation.id 
_citation.title 
_citation.journal_abbrev 
_citation.journal_volume 
_citation.page_first 
_citation.page_last 
_citation.year 
_citation.journal_id_ASTM 
_citation.country 
_citation.journal_id_ISSN 
_citation.journal_id_CSD 
_citation.book_publisher 
_citation.pdbx_database_id_PubMed 
_citation.pdbx_database_id_DOI 
primary 
;Molecular Recognition in Purine-Rich Internal Loops: Thermodynamic, Structural, and Dynamic Consequences of Purine for Adenine Substitutions in 5'(rGGCAAGCCU)2
;
Biochemistry 41 14978 14987 2002 BICHAW US 0006-2960 0033 ? 12475247 10.1021/bi0203278 
1       
;Sheared Aanti-Aanti Base Pairs in a Destabilizing 2x2 Internal Loop:  The NMR Structure of 
5'(rGGCAAGCCU)2
;
Biochemistry 41 14969 14977 2002 BICHAW US 0006-2960 0033 ? ?        10.1021/bi020326f 
# 
loop_
_citation_author.citation_id 
_citation_author.name 
_citation_author.ordinal 
_citation_author.identifier_ORCID 
primary 'Znosko, B.M.'    1 ? 
primary 'Burkard, M.E.'   2 ? 
primary 'Krugh, T.R.'     3 ? 
primary 'Turner, D.H.'    4 ? 
1       'Znosko, B.M.'    5 ? 
1       'Burkard, M.E.'   6 ? 
1       'Schroeder, S.J.' 7 ? 
1       'Krugh, T.R.'     8 ? 
1       'Turner, D.H.'    9 ? 
# 
_entity.id                         1 
_entity.type                       polymer 
_entity.src_method                 syn 
_entity.pdbx_description           "5'-R(*GP*GP*CP*(P5P)P*AP*GP*CP*CP*U)-3'" 
_entity.formula_weight             2855.769 
_entity.pdbx_number_of_molecules   2 
_entity.pdbx_ec                    ? 
_entity.pdbx_mutation              ? 
_entity.pdbx_fragment              ? 
_entity.details                    ? 
# 
_entity_poly.entity_id                      1 
_entity_poly.type                           polyribonucleotide 
_entity_poly.nstd_linkage                   no 
_entity_poly.nstd_monomer                   yes 
_entity_poly.pdbx_seq_one_letter_code       'GGC(P5P)AGCCU' 
_entity_poly.pdbx_seq_one_letter_code_can   GGCAAGCCU 
_entity_poly.pdbx_strand_id                 A,B 
_entity_poly.pdbx_target_identifier         ? 
# 
loop_
_entity_poly_seq.entity_id 
_entity_poly_seq.num 
_entity_poly_seq.mon_id 
_entity_poly_seq.hetero 
1 1 G   n 
1 2 G   n 
1 3 C   n 
1 4 P5P n 
1 5 A   n 
1 6 G   n 
1 7 C   n 
1 8 C   n 
1 9 U   n 
# 
loop_
_chem_comp.id 
_chem_comp.type 
_chem_comp.mon_nstd_flag 
_chem_comp.name 
_chem_comp.pdbx_synonyms 
_chem_comp.formula 
_chem_comp.formula_weight 
A   'RNA linking' y "ADENOSINE-5'-MONOPHOSPHATE"       ? 'C10 H14 N5 O7 P' 347.221 
C   'RNA linking' y "CYTIDINE-5'-MONOPHOSPHATE"        ? 'C9 H14 N3 O8 P'  323.197 
G   'RNA linking' y "GUANOSINE-5'-MONOPHOSPHATE"       ? 'C10 H14 N5 O8 P' 363.221 
P5P 'RNA linking' n 
;PURINE RIBOSIDE-5'-MONOPHOSPHATE
;
? 'C10 H13 N4 O7 P' 332.207 
U   'RNA linking' y "URIDINE-5'-MONOPHOSPHATE"         ? 'C9 H13 N2 O9 P'  324.181 
# 
loop_
_pdbx_poly_seq_scheme.asym_id 
_pdbx_poly_seq_scheme.entity_id 
_pdbx_poly_seq_scheme.seq_id 
_pdbx_poly_seq_scheme.mon_id 
_pdbx_poly_seq_scheme.ndb_seq_num 
_pdbx_poly_seq_scheme.pdb_seq_num 
_pdbx_poly_seq_scheme.auth_seq_num 
_pdbx_poly_seq_scheme.pdb_mon_id 
_pdbx_poly_seq_scheme.auth_mon_id 
_pdbx_poly_seq_scheme.pdb_strand_id 
_pdbx_poly_seq_scheme.pdb_ins_code 
_pdbx_poly_seq_scheme.hetero 
A 1 1 G   1 1 1 G   G A . n 
A 1 2 G   2 2 2 G   G A . n 
A 1 3 C   3 3 3 C   C A . n 
A 1 4 P5P 4 4 4 P5P P A . n 
A 1 5 A   5 5 5 A   A A . n 
A 1 6 G   6 6 6 G   G A . n 
A 1 7 C   7 7 7 C   C A . n 
A 1 8 C   8 8 8 C   C A . n 
A 1 9 U   9 9 9 U   U A . n 
B 1 1 G   1 1 1 G   G B . n 
B 1 2 G   2 2 2 G   G B . n 
B 1 3 C   3 3 3 C   C B . n 
B 1 4 P5P 4 4 4 P5P P B . n 
B 1 5 A   5 5 5 A   A B . n 
B 1 6 G   6 6 6 G   G B . n 
B 1 7 C   7 7 7 C   C B . n 
B 1 8 C   8 8 8 C   C B . n 
B 1 9 U   9 9 9 U   U B . n 
# 
_exptl.entry_id          1MV1 
_exptl.method            'SOLUTION NMR' 
_exptl.crystals_number   ? 
# 
_exptl_crystal.id                    1 
_exptl_crystal.density_meas          ? 
_exptl_crystal.density_Matthews      ? 
_exptl_crystal.density_percent_sol   ? 
_exptl_crystal.description           ? 
# 
_diffrn.id                     1 
_diffrn.crystal_id             1 
_diffrn.ambient_temp           ? 
_diffrn.ambient_temp_details   ? 
# 
_diffrn_radiation.diffrn_id                        1 
_diffrn_radiation.wavelength_id                    1 
_diffrn_radiation.pdbx_monochromatic_or_laue_m_l   M 
_diffrn_radiation.monochromator                    ? 
_diffrn_radiation.pdbx_diffrn_protocol             'SINGLE WAVELENGTH' 
_diffrn_radiation.pdbx_scattering_type             ? 
# 
_diffrn_radiation_wavelength.id           1 
_diffrn_radiation_wavelength.wavelength   . 
_diffrn_radiation_wavelength.wt           1.0 
# 
_struct.entry_id                  1MV1 
_struct.title                     
;The Tandem, Sheared PA Pairs in 5'(rGGCPAGCCU)2
;
_struct.pdbx_model_details        ? 
_struct.pdbx_CASP_flag            ? 
_struct.pdbx_model_type_details   ? 
# 
_struct_keywords.entry_id        1MV1 
_struct_keywords.pdbx_keywords   RNA 
_struct_keywords.text            'ribonucleic acid, duplex, tandem mismatch, purine, RNA' 
# 
loop_
_struct_asym.id 
_struct_asym.pdbx_blank_PDB_chainid_flag 
_struct_asym.pdbx_modified 
_struct_asym.entity_id 
_struct_asym.details 
A N N 1 ? 
B N N 1 ? 
# 
_struct_ref.id                         1 
_struct_ref.entity_id                  1 
_struct_ref.db_name                    PDB 
_struct_ref.db_code                    1MV1 
_struct_ref.pdbx_db_accession          1MV1 
_struct_ref.pdbx_db_isoform            ? 
_struct_ref.pdbx_seq_one_letter_code   ? 
_struct_ref.pdbx_align_begin           ? 
# 
loop_
_struct_ref_seq.align_id 
_struct_ref_seq.ref_id 
_struct_ref_seq.pdbx_PDB_id_code 
_struct_ref_seq.pdbx_strand_id 
_struct_ref_seq.seq_align_beg 
_struct_ref_seq.pdbx_seq_align_beg_ins_code 
_struct_ref_seq.seq_align_end 
_struct_ref_seq.pdbx_seq_align_end_ins_code 
_struct_ref_seq.pdbx_db_accession 
_struct_ref_seq.db_align_beg 
_struct_ref_seq.pdbx_db_align_beg_ins_code 
_struct_ref_seq.db_align_end 
_struct_ref_seq.pdbx_db_align_end_ins_code 
_struct_ref_seq.pdbx_auth_seq_align_beg 
_struct_ref_seq.pdbx_auth_seq_align_end 
1 1 1MV1 A 1 ? 9 ? 1MV1 1 ? 9 ? 1 9 
2 1 1MV1 B 1 ? 9 ? 1MV1 1 ? 9 ? 1 9 
# 
_pdbx_struct_assembly.id                   1 
_pdbx_struct_assembly.details              author_defined_assembly 
_pdbx_struct_assembly.method_details       ? 
_pdbx_struct_assembly.oligomeric_details   dimeric 
_pdbx_struct_assembly.oligomeric_count     2 
# 
_pdbx_struct_assembly_gen.assembly_id       1 
_pdbx_struct_assembly_gen.oper_expression   1 
_pdbx_struct_assembly_gen.asym_id_list      A,B 
# 
_pdbx_struct_oper_list.id                   1 
_pdbx_struct_oper_list.type                 'identity operation' 
_pdbx_struct_oper_list.name                 1_555 
_pdbx_struct_oper_list.symmetry_operation   x,y,z 
_pdbx_struct_oper_list.matrix[1][1]         1.0000000000 
_pdbx_struct_oper_list.matrix[1][2]         0.0000000000 
_pdbx_struct_oper_list.matrix[1][3]         0.0000000000 
_pdbx_struct_oper_list.vector[1]            0.0000000000 
_pdbx_struct_oper_list.matrix[2][1]         0.0000000000 
_pdbx_struct_oper_list.matrix[2][2]         1.0000000000 
_pdbx_struct_oper_list.matrix[2][3]         0.0000000000 
_pdbx_struct_oper_list.vector[2]            0.0000000000 
_pdbx_struct_oper_list.matrix[3][1]         0.0000000000 
_pdbx_struct_oper_list.matrix[3][2]         0.0000000000 
_pdbx_struct_oper_list.matrix[3][3]         1.0000000000 
_pdbx_struct_oper_list.vector[3]            0.0000000000 
# 
_struct_biol.id   1 
# 
loop_
_struct_conn.id 
_struct_conn.conn_type_id 
_struct_conn.pdbx_leaving_atom_flag 
_struct_conn.pdbx_PDB_id 
_struct_conn.ptnr1_label_asym_id 
_struct_conn.ptnr1_label_comp_id 
_struct_conn.ptnr1_label_seq_id 
_struct_conn.ptnr1_label_atom_id 
_struct_conn.pdbx_ptnr1_label_alt_id 
_struct_conn.pdbx_ptnr1_PDB_ins_code 
_struct_conn.pdbx_ptnr1_standard_comp_id 
_struct_conn.ptnr1_symmetry 
_struct_conn.ptnr2_label_asym_id 
_struct_conn.ptnr2_label_comp_id 
_struct_conn.ptnr2_label_seq_id 
_struct_conn.ptnr2_label_atom_id 
_struct_conn.pdbx_ptnr2_label_alt_id 
_struct_conn.pdbx_ptnr2_PDB_ins_code 
_struct_conn.ptnr1_auth_asym_id 
_struct_conn.ptnr1_auth_comp_id 
_struct_conn.ptnr1_auth_seq_id 
_struct_conn.ptnr2_auth_asym_id 
_struct_conn.ptnr2_auth_comp_id 
_struct_conn.ptnr2_auth_seq_id 
_struct_conn.ptnr2_symmetry 
_struct_conn.pdbx_ptnr3_label_atom_id 
_struct_conn.pdbx_ptnr3_label_seq_id 
_struct_conn.pdbx_ptnr3_label_comp_id 
_struct_conn.pdbx_ptnr3_label_asym_id 
_struct_conn.pdbx_ptnr3_label_alt_id 
_struct_conn.pdbx_ptnr3_PDB_ins_code 
_struct_conn.details 
_struct_conn.pdbx_dist_value 
_struct_conn.pdbx_value_order 
_struct_conn.pdbx_role 
covale1  covale both ? A C   3 "O3'" ? ? ? 1_555 A P5P 4 P  ? ? A C   3 A P5P 4 1_555 ? ? ? ? ? ? ?               1.614 ? ? 
covale2  covale both ? A P5P 4 "O3'" ? ? ? 1_555 A A   5 P  ? ? A P5P 4 A A   5 1_555 ? ? ? ? ? ? ?               1.618 ? ? 
covale3  covale both ? B C   3 "O3'" ? ? ? 1_555 B P5P 4 P  ? ? B C   3 B P5P 4 1_555 ? ? ? ? ? ? ?               1.613 ? ? 
covale4  covale both ? B P5P 4 "O3'" ? ? ? 1_555 B A   5 P  ? ? B P5P 4 B A   5 1_555 ? ? ? ? ? ? ?               1.618 ? ? 
hydrog1  hydrog ?    ? A G   1 N1    ? ? ? 1_555 B C   8 N3 ? ? A G   1 B C   8 1_555 ? ? ? ? ? ? WATSON-CRICK    ?     ? ? 
hydrog2  hydrog ?    ? A G   1 N2    ? ? ? 1_555 B C   8 O2 ? ? A G   1 B C   8 1_555 ? ? ? ? ? ? WATSON-CRICK    ?     ? ? 
hydrog3  hydrog ?    ? A G   1 O6    ? ? ? 1_555 B C   8 N4 ? ? A G   1 B C   8 1_555 ? ? ? ? ? ? WATSON-CRICK    ?     ? ? 
hydrog4  hydrog ?    ? A G   2 N1    ? ? ? 1_555 B C   7 N3 ? ? A G   2 B C   7 1_555 ? ? ? ? ? ? WATSON-CRICK    ?     ? ? 
hydrog5  hydrog ?    ? A G   2 N2    ? ? ? 1_555 B C   7 O2 ? ? A G   2 B C   7 1_555 ? ? ? ? ? ? WATSON-CRICK    ?     ? ? 
hydrog6  hydrog ?    ? A G   2 O6    ? ? ? 1_555 B C   7 N4 ? ? A G   2 B C   7 1_555 ? ? ? ? ? ? WATSON-CRICK    ?     ? ? 
hydrog7  hydrog ?    ? A C   3 N3    ? ? ? 1_555 B G   6 N1 ? ? A C   3 B G   6 1_555 ? ? ? ? ? ? WATSON-CRICK    ?     ? ? 
hydrog8  hydrog ?    ? A C   3 N4    ? ? ? 1_555 B G   6 O6 ? ? A C   3 B G   6 1_555 ? ? ? ? ? ? WATSON-CRICK    ?     ? ? 
hydrog9  hydrog ?    ? A C   3 O2    ? ? ? 1_555 B G   6 N2 ? ? A C   3 B G   6 1_555 ? ? ? ? ? ? WATSON-CRICK    ?     ? ? 
hydrog10 hydrog ?    ? A P5P 4 N3    ? ? ? 1_555 B A   5 N6 ? ? A P5P 4 B A   5 1_555 ? ? ? ? ? ? 'P5P-A MISPAIR' ?     ? ? 
hydrog11 hydrog ?    ? A A   5 N6    ? ? ? 1_555 B P5P 4 N3 ? ? A A   5 B P5P 4 1_555 ? ? ? ? ? ? 'A-P5P MISPAIR' ?     ? ? 
hydrog12 hydrog ?    ? A G   6 N1    ? ? ? 1_555 B C   3 N3 ? ? A G   6 B C   3 1_555 ? ? ? ? ? ? WATSON-CRICK    ?     ? ? 
hydrog13 hydrog ?    ? A G   6 N2    ? ? ? 1_555 B C   3 O2 ? ? A G   6 B C   3 1_555 ? ? ? ? ? ? WATSON-CRICK    ?     ? ? 
hydrog14 hydrog ?    ? A G   6 O6    ? ? ? 1_555 B C   3 N4 ? ? A G   6 B C   3 1_555 ? ? ? ? ? ? WATSON-CRICK    ?     ? ? 
hydrog15 hydrog ?    ? A C   7 N3    ? ? ? 1_555 B G   2 N1 ? ? A C   7 B G   2 1_555 ? ? ? ? ? ? WATSON-CRICK    ?     ? ? 
hydrog16 hydrog ?    ? A C   7 N4    ? ? ? 1_555 B G   2 O6 ? ? A C   7 B G   2 1_555 ? ? ? ? ? ? WATSON-CRICK    ?     ? ? 
hydrog17 hydrog ?    ? A C   7 O2    ? ? ? 1_555 B G   2 N2 ? ? A C   7 B G   2 1_555 ? ? ? ? ? ? WATSON-CRICK    ?     ? ? 
hydrog18 hydrog ?    ? A C   8 N3    ? ? ? 1_555 B G   1 N1 ? ? A C   8 B G   1 1_555 ? ? ? ? ? ? WATSON-CRICK    ?     ? ? 
hydrog19 hydrog ?    ? A C   8 N4    ? ? ? 1_555 B G   1 O6 ? ? A C   8 B G   1 1_555 ? ? ? ? ? ? WATSON-CRICK    ?     ? ? 
hydrog20 hydrog ?    ? A C   8 O2    ? ? ? 1_555 B G   1 N2 ? ? A C   8 B G   1 1_555 ? ? ? ? ? ? WATSON-CRICK    ?     ? ? 
# 
loop_
_struct_conn_type.id 
_struct_conn_type.criteria 
_struct_conn_type.reference 
covale ? ? 
hydrog ? ? 
# 
loop_
_pdbx_validate_rmsd_angle.id 
_pdbx_validate_rmsd_angle.PDB_model_num 
_pdbx_validate_rmsd_angle.auth_atom_id_1 
_pdbx_validate_rmsd_angle.auth_asym_id_1 
_pdbx_validate_rmsd_angle.auth_comp_id_1 
_pdbx_validate_rmsd_angle.auth_seq_id_1 
_pdbx_validate_rmsd_angle.PDB_ins_code_1 
_pdbx_validate_rmsd_angle.label_alt_id_1 
_pdbx_validate_rmsd_angle.auth_atom_id_2 
_pdbx_validate_rmsd_angle.auth_asym_id_2 
_pdbx_validate_rmsd_angle.auth_comp_id_2 
_pdbx_validate_rmsd_angle.auth_seq_id_2 
_pdbx_validate_rmsd_angle.PDB_ins_code_2 
_pdbx_validate_rmsd_angle.label_alt_id_2 
_pdbx_validate_rmsd_angle.auth_atom_id_3 
_pdbx_validate_rmsd_angle.auth_asym_id_3 
_pdbx_validate_rmsd_angle.auth_comp_id_3 
_pdbx_validate_rmsd_angle.auth_seq_id_3 
_pdbx_validate_rmsd_angle.PDB_ins_code_3 
_pdbx_validate_rmsd_angle.label_alt_id_3 
_pdbx_validate_rmsd_angle.angle_value 
_pdbx_validate_rmsd_angle.angle_target_value 
_pdbx_validate_rmsd_angle.angle_deviation 
_pdbx_validate_rmsd_angle.angle_standard_deviation 
_pdbx_validate_rmsd_angle.linker_flag 
1 1 "O4'" A C 3 ? ? "C1'" A C 3 ? ? N1 A C 3 ? ? 113.40 108.50 4.90 0.70 N 
2 1 "O4'" A C 7 ? ? "C1'" A C 7 ? ? N1 A C 7 ? ? 113.17 108.50 4.67 0.70 N 
3 1 "O4'" A C 8 ? ? "C1'" A C 8 ? ? N1 A C 8 ? ? 113.43 108.50 4.93 0.70 N 
4 1 "O4'" B C 3 ? ? "C1'" B C 3 ? ? N1 B C 3 ? ? 113.28 108.50 4.78 0.70 N 
5 1 "O4'" B C 7 ? ? "C1'" B C 7 ? ? N1 B C 7 ? ? 113.29 108.50 4.79 0.70 N 
6 1 "O4'" B C 8 ? ? "C1'" B C 8 ? ? N1 B C 8 ? ? 113.46 108.50 4.96 0.70 N 
7 1 "O4'" B U 9 ? ? "C1'" B U 9 ? ? N1 B U 9 ? ? 112.97 108.50 4.47 0.70 N 
# 
loop_
_pdbx_struct_mod_residue.id 
_pdbx_struct_mod_residue.label_asym_id 
_pdbx_struct_mod_residue.label_comp_id 
_pdbx_struct_mod_residue.label_seq_id 
_pdbx_struct_mod_residue.auth_asym_id 
_pdbx_struct_mod_residue.auth_comp_id 
_pdbx_struct_mod_residue.auth_seq_id 
_pdbx_struct_mod_residue.PDB_ins_code 
_pdbx_struct_mod_residue.parent_comp_id 
_pdbx_struct_mod_residue.details 
1 A P5P 4 A P5P 4 ? A 
;PURINE RIBOSIDE-5'-MONOPHOSPHATE
;
2 B P5P 4 B P5P 4 ? A 
;PURINE RIBOSIDE-5'-MONOPHOSPHATE
;
# 
_pdbx_nmr_ensemble.entry_id                                      1MV1 
_pdbx_nmr_ensemble.conformers_calculated_total_number            ? 
_pdbx_nmr_ensemble.conformers_submitted_total_number             1 
_pdbx_nmr_ensemble.conformer_selection_criteria                  ? 
_pdbx_nmr_ensemble.average_constraints_per_residue               ? 
_pdbx_nmr_ensemble.average_constraint_violations_per_residue     ? 
_pdbx_nmr_ensemble.maximum_distance_constraint_violation         ? 
_pdbx_nmr_ensemble.average_distance_constraint_violation         ? 
_pdbx_nmr_ensemble.maximum_upper_distance_constraint_violation   ? 
_pdbx_nmr_ensemble.maximum_lower_distance_constraint_violation   ? 
_pdbx_nmr_ensemble.distance_constraint_violation_method          ? 
_pdbx_nmr_ensemble.maximum_torsion_angle_constraint_violation    ? 
_pdbx_nmr_ensemble.average_torsion_angle_constraint_violation    ? 
_pdbx_nmr_ensemble.torsion_angle_constraint_violation_method     ? 
# 
_pdbx_nmr_representative.entry_id             1MV1 
_pdbx_nmr_representative.conformer_id         1 
_pdbx_nmr_representative.selection_criteria   'closest to the average' 
# 
loop_
_pdbx_nmr_sample_details.solution_id 
_pdbx_nmr_sample_details.contents 
_pdbx_nmr_sample_details.solvent_system 
1 '1mM RNA, 80 mM NaCl, 10mM phosphate buffer, 0.5mM EDTA; 90% H2O, 10% D2O' '90% H2O/10% D2O' 
2 '2mM RNA, 80 mM NaCl, 10mM phosphate buffer, 0.5mM EDTA; 99.996% D2O'      '99.996% D2O'     
# 
loop_
_pdbx_nmr_exptl_sample_conditions.conditions_id 
_pdbx_nmr_exptl_sample_conditions.temperature 
_pdbx_nmr_exptl_sample_conditions.pressure 
_pdbx_nmr_exptl_sample_conditions.pH 
_pdbx_nmr_exptl_sample_conditions.ionic_strength 
_pdbx_nmr_exptl_sample_conditions.pressure_units 
_pdbx_nmr_exptl_sample_conditions.temperature_units 
1 273 ambient 6.5 '90% H2O, 10% D2O' ? K 
2 303 ambient 7.7 '99.996% D2O'      ? K 
# 
_pdbx_nmr_exptl.experiment_id   1 
_pdbx_nmr_exptl.solution_id     2 
_pdbx_nmr_exptl.conditions_id   2 
_pdbx_nmr_exptl.type            '2D NOESY' 
# 
_pdbx_nmr_refine.entry_id           1MV1 
_pdbx_nmr_refine.method             'simulated annealing, energy minimization' 
_pdbx_nmr_refine.details            
;The structure is based on a total of 86 interproton distance restraints per strand, 18 hydrogen bond restraints, and 46 dihedral angle restraints per strand.
;
_pdbx_nmr_refine.software_ordinal   1 
# 
loop_
_pdbx_nmr_software.name 
_pdbx_nmr_software.version 
_pdbx_nmr_software.classification 
_pdbx_nmr_software.authors 
_pdbx_nmr_software.ordinal 
VNMR     5.2  collection           Varian 1 
Felix    2000 'data analysis'      MSI    2 
Discover 95.0 'structure solution' MSI    3 
Discover 95.0 refinement           MSI    4 
# 
loop_
_chem_comp_atom.comp_id 
_chem_comp_atom.atom_id 
_chem_comp_atom.type_symbol 
_chem_comp_atom.pdbx_aromatic_flag 
_chem_comp_atom.pdbx_stereo_config 
_chem_comp_atom.pdbx_ordinal 
A   OP3    O N N 1   
A   P      P N N 2   
A   OP1    O N N 3   
A   OP2    O N N 4   
A   "O5'"  O N N 5   
A   "C5'"  C N N 6   
A   "C4'"  C N R 7   
A   "O4'"  O N N 8   
A   "C3'"  C N S 9   
A   "O3'"  O N N 10  
A   "C2'"  C N R 11  
A   "O2'"  O N N 12  
A   "C1'"  C N R 13  
A   N9     N Y N 14  
A   C8     C Y N 15  
A   N7     N Y N 16  
A   C5     C Y N 17  
A   C6     C Y N 18  
A   N6     N N N 19  
A   N1     N Y N 20  
A   C2     C Y N 21  
A   N3     N Y N 22  
A   C4     C Y N 23  
A   HOP3   H N N 24  
A   HOP2   H N N 25  
A   "H5'"  H N N 26  
A   "H5''" H N N 27  
A   "H4'"  H N N 28  
A   "H3'"  H N N 29  
A   "HO3'" H N N 30  
A   "H2'"  H N N 31  
A   "HO2'" H N N 32  
A   "H1'"  H N N 33  
A   H8     H N N 34  
A   H61    H N N 35  
A   H62    H N N 36  
A   H2     H N N 37  
C   OP3    O N N 38  
C   P      P N N 39  
C   OP1    O N N 40  
C   OP2    O N N 41  
C   "O5'"  O N N 42  
C   "C5'"  C N N 43  
C   "C4'"  C N R 44  
C   "O4'"  O N N 45  
C   "C3'"  C N S 46  
C   "O3'"  O N N 47  
C   "C2'"  C N R 48  
C   "O2'"  O N N 49  
C   "C1'"  C N R 50  
C   N1     N N N 51  
C   C2     C N N 52  
C   O2     O N N 53  
C   N3     N N N 54  
C   C4     C N N 55  
C   N4     N N N 56  
C   C5     C N N 57  
C   C6     C N N 58  
C   HOP3   H N N 59  
C   HOP2   H N N 60  
C   "H5'"  H N N 61  
C   "H5''" H N N 62  
C   "H4'"  H N N 63  
C   "H3'"  H N N 64  
C   "HO3'" H N N 65  
C   "H2'"  H N N 66  
C   "HO2'" H N N 67  
C   "H1'"  H N N 68  
C   H41    H N N 69  
C   H42    H N N 70  
C   H5     H N N 71  
C   H6     H N N 72  
G   OP3    O N N 73  
G   P      P N N 74  
G   OP1    O N N 75  
G   OP2    O N N 76  
G   "O5'"  O N N 77  
G   "C5'"  C N N 78  
G   "C4'"  C N R 79  
G   "O4'"  O N N 80  
G   "C3'"  C N S 81  
G   "O3'"  O N N 82  
G   "C2'"  C N R 83  
G   "O2'"  O N N 84  
G   "C1'"  C N R 85  
G   N9     N Y N 86  
G   C8     C Y N 87  
G   N7     N Y N 88  
G   C5     C Y N 89  
G   C6     C N N 90  
G   O6     O N N 91  
G   N1     N N N 92  
G   C2     C N N 93  
G   N2     N N N 94  
G   N3     N N N 95  
G   C4     C Y N 96  
G   HOP3   H N N 97  
G   HOP2   H N N 98  
G   "H5'"  H N N 99  
G   "H5''" H N N 100 
G   "H4'"  H N N 101 
G   "H3'"  H N N 102 
G   "HO3'" H N N 103 
G   "H2'"  H N N 104 
G   "HO2'" H N N 105 
G   "H1'"  H N N 106 
G   H8     H N N 107 
G   H1     H N N 108 
G   H21    H N N 109 
G   H22    H N N 110 
P5P N1     N Y N 111 
P5P C2     C Y N 112 
P5P N3     N Y N 113 
P5P C4     C Y N 114 
P5P C5     C Y N 115 
P5P C6     C Y N 116 
P5P N7     N Y N 117 
P5P C8     C Y N 118 
P5P N9     N Y N 119 
P5P "C1'"  C N R 120 
P5P "C2'"  C N R 121 
P5P "O2'"  O N N 122 
P5P "C3'"  C N S 123 
P5P "O3'"  O N N 124 
P5P "C4'"  C N R 125 
P5P "O4'"  O N N 126 
P5P "C5'"  C N N 127 
P5P "O5'"  O N N 128 
P5P P      P N N 129 
P5P OP1    O N N 130 
P5P OP2    O N N 131 
P5P OP3    O N N 132 
P5P H2     H N N 133 
P5P H6     H N N 134 
P5P H8     H N N 135 
P5P "H1'"  H N N 136 
P5P "H2'"  H N N 137 
P5P "HO2'" H N N 138 
P5P "H3'"  H N N 139 
P5P "HO3'" H N N 140 
P5P "H4'"  H N N 141 
P5P "H5'1" H N N 142 
P5P "H5'2" H N N 143 
P5P HOP2   H N N 144 
P5P HOP3   H N N 145 
U   OP3    O N N 146 
U   P      P N N 147 
U   OP1    O N N 148 
U   OP2    O N N 149 
U   "O5'"  O N N 150 
U   "C5'"  C N N 151 
U   "C4'"  C N R 152 
U   "O4'"  O N N 153 
U   "C3'"  C N S 154 
U   "O3'"  O N N 155 
U   "C2'"  C N R 156 
U   "O2'"  O N N 157 
U   "C1'"  C N R 158 
U   N1     N N N 159 
U   C2     C N N 160 
U   O2     O N N 161 
U   N3     N N N 162 
U   C4     C N N 163 
U   O4     O N N 164 
U   C5     C N N 165 
U   C6     C N N 166 
U   HOP3   H N N 167 
U   HOP2   H N N 168 
U   "H5'"  H N N 169 
U   "H5''" H N N 170 
U   "H4'"  H N N 171 
U   "H3'"  H N N 172 
U   "HO3'" H N N 173 
U   "H2'"  H N N 174 
U   "HO2'" H N N 175 
U   "H1'"  H N N 176 
U   H3     H N N 177 
U   H5     H N N 178 
U   H6     H N N 179 
# 
loop_
_chem_comp_bond.comp_id 
_chem_comp_bond.atom_id_1 
_chem_comp_bond.atom_id_2 
_chem_comp_bond.value_order 
_chem_comp_bond.pdbx_aromatic_flag 
_chem_comp_bond.pdbx_stereo_config 
_chem_comp_bond.pdbx_ordinal 
A   OP3   P      sing N N 1   
A   OP3   HOP3   sing N N 2   
A   P     OP1    doub N N 3   
A   P     OP2    sing N N 4   
A   P     "O5'"  sing N N 5   
A   OP2   HOP2   sing N N 6   
A   "O5'" "C5'"  sing N N 7   
A   "C5'" "C4'"  sing N N 8   
A   "C5'" "H5'"  sing N N 9   
A   "C5'" "H5''" sing N N 10  
A   "C4'" "O4'"  sing N N 11  
A   "C4'" "C3'"  sing N N 12  
A   "C4'" "H4'"  sing N N 13  
A   "O4'" "C1'"  sing N N 14  
A   "C3'" "O3'"  sing N N 15  
A   "C3'" "C2'"  sing N N 16  
A   "C3'" "H3'"  sing N N 17  
A   "O3'" "HO3'" sing N N 18  
A   "C2'" "O2'"  sing N N 19  
A   "C2'" "C1'"  sing N N 20  
A   "C2'" "H2'"  sing N N 21  
A   "O2'" "HO2'" sing N N 22  
A   "C1'" N9     sing N N 23  
A   "C1'" "H1'"  sing N N 24  
A   N9    C8     sing Y N 25  
A   N9    C4     sing Y N 26  
A   C8    N7     doub Y N 27  
A   C8    H8     sing N N 28  
A   N7    C5     sing Y N 29  
A   C5    C6     sing Y N 30  
A   C5    C4     doub Y N 31  
A   C6    N6     sing N N 32  
A   C6    N1     doub Y N 33  
A   N6    H61    sing N N 34  
A   N6    H62    sing N N 35  
A   N1    C2     sing Y N 36  
A   C2    N3     doub Y N 37  
A   C2    H2     sing N N 38  
A   N3    C4     sing Y N 39  
C   OP3   P      sing N N 40  
C   OP3   HOP3   sing N N 41  
C   P     OP1    doub N N 42  
C   P     OP2    sing N N 43  
C   P     "O5'"  sing N N 44  
C   OP2   HOP2   sing N N 45  
C   "O5'" "C5'"  sing N N 46  
C   "C5'" "C4'"  sing N N 47  
C   "C5'" "H5'"  sing N N 48  
C   "C5'" "H5''" sing N N 49  
C   "C4'" "O4'"  sing N N 50  
C   "C4'" "C3'"  sing N N 51  
C   "C4'" "H4'"  sing N N 52  
C   "O4'" "C1'"  sing N N 53  
C   "C3'" "O3'"  sing N N 54  
C   "C3'" "C2'"  sing N N 55  
C   "C3'" "H3'"  sing N N 56  
C   "O3'" "HO3'" sing N N 57  
C   "C2'" "O2'"  sing N N 58  
C   "C2'" "C1'"  sing N N 59  
C   "C2'" "H2'"  sing N N 60  
C   "O2'" "HO2'" sing N N 61  
C   "C1'" N1     sing N N 62  
C   "C1'" "H1'"  sing N N 63  
C   N1    C2     sing N N 64  
C   N1    C6     sing N N 65  
C   C2    O2     doub N N 66  
C   C2    N3     sing N N 67  
C   N3    C4     doub N N 68  
C   C4    N4     sing N N 69  
C   C4    C5     sing N N 70  
C   N4    H41    sing N N 71  
C   N4    H42    sing N N 72  
C   C5    C6     doub N N 73  
C   C5    H5     sing N N 74  
C   C6    H6     sing N N 75  
G   OP3   P      sing N N 76  
G   OP3   HOP3   sing N N 77  
G   P     OP1    doub N N 78  
G   P     OP2    sing N N 79  
G   P     "O5'"  sing N N 80  
G   OP2   HOP2   sing N N 81  
G   "O5'" "C5'"  sing N N 82  
G   "C5'" "C4'"  sing N N 83  
G   "C5'" "H5'"  sing N N 84  
G   "C5'" "H5''" sing N N 85  
G   "C4'" "O4'"  sing N N 86  
G   "C4'" "C3'"  sing N N 87  
G   "C4'" "H4'"  sing N N 88  
G   "O4'" "C1'"  sing N N 89  
G   "C3'" "O3'"  sing N N 90  
G   "C3'" "C2'"  sing N N 91  
G   "C3'" "H3'"  sing N N 92  
G   "O3'" "HO3'" sing N N 93  
G   "C2'" "O2'"  sing N N 94  
G   "C2'" "C1'"  sing N N 95  
G   "C2'" "H2'"  sing N N 96  
G   "O2'" "HO2'" sing N N 97  
G   "C1'" N9     sing N N 98  
G   "C1'" "H1'"  sing N N 99  
G   N9    C8     sing Y N 100 
G   N9    C4     sing Y N 101 
G   C8    N7     doub Y N 102 
G   C8    H8     sing N N 103 
G   N7    C5     sing Y N 104 
G   C5    C6     sing N N 105 
G   C5    C4     doub Y N 106 
G   C6    O6     doub N N 107 
G   C6    N1     sing N N 108 
G   N1    C2     sing N N 109 
G   N1    H1     sing N N 110 
G   C2    N2     sing N N 111 
G   C2    N3     doub N N 112 
G   N2    H21    sing N N 113 
G   N2    H22    sing N N 114 
G   N3    C4     sing N N 115 
P5P N1    C2     sing Y N 116 
P5P N1    C6     doub Y N 117 
P5P C2    N3     doub Y N 118 
P5P C2    H2     sing N N 119 
P5P N3    C4     sing Y N 120 
P5P C4    C5     doub Y N 121 
P5P C4    N9     sing Y N 122 
P5P C5    C6     sing Y N 123 
P5P C5    N7     sing Y N 124 
P5P C6    H6     sing N N 125 
P5P N7    C8     doub Y N 126 
P5P C8    N9     sing Y N 127 
P5P C8    H8     sing N N 128 
P5P N9    "C1'"  sing N N 129 
P5P "C1'" "C2'"  sing N N 130 
P5P "C1'" "O4'"  sing N N 131 
P5P "C1'" "H1'"  sing N N 132 
P5P "C2'" "O2'"  sing N N 133 
P5P "C2'" "C3'"  sing N N 134 
P5P "C2'" "H2'"  sing N N 135 
P5P "O2'" "HO2'" sing N N 136 
P5P "C3'" "O3'"  sing N N 137 
P5P "C3'" "C4'"  sing N N 138 
P5P "C3'" "H3'"  sing N N 139 
P5P "O3'" "HO3'" sing N N 140 
P5P "C4'" "O4'"  sing N N 141 
P5P "C4'" "C5'"  sing N N 142 
P5P "C4'" "H4'"  sing N N 143 
P5P "C5'" "O5'"  sing N N 144 
P5P "C5'" "H5'1" sing N N 145 
P5P "C5'" "H5'2" sing N N 146 
P5P "O5'" P      sing N N 147 
P5P P     OP1    doub N N 148 
P5P P     OP2    sing N N 149 
P5P P     OP3    sing N N 150 
P5P OP2   HOP2   sing N N 151 
P5P OP3   HOP3   sing N N 152 
U   OP3   P      sing N N 153 
U   OP3   HOP3   sing N N 154 
U   P     OP1    doub N N 155 
U   P     OP2    sing N N 156 
U   P     "O5'"  sing N N 157 
U   OP2   HOP2   sing N N 158 
U   "O5'" "C5'"  sing N N 159 
U   "C5'" "C4'"  sing N N 160 
U   "C5'" "H5'"  sing N N 161 
U   "C5'" "H5''" sing N N 162 
U   "C4'" "O4'"  sing N N 163 
U   "C4'" "C3'"  sing N N 164 
U   "C4'" "H4'"  sing N N 165 
U   "O4'" "C1'"  sing N N 166 
U   "C3'" "O3'"  sing N N 167 
U   "C3'" "C2'"  sing N N 168 
U   "C3'" "H3'"  sing N N 169 
U   "O3'" "HO3'" sing N N 170 
U   "C2'" "O2'"  sing N N 171 
U   "C2'" "C1'"  sing N N 172 
U   "C2'" "H2'"  sing N N 173 
U   "O2'" "HO2'" sing N N 174 
U   "C1'" N1     sing N N 175 
U   "C1'" "H1'"  sing N N 176 
U   N1    C2     sing N N 177 
U   N1    C6     sing N N 178 
U   C2    O2     doub N N 179 
U   C2    N3     sing N N 180 
U   N3    C4     sing N N 181 
U   N3    H3     sing N N 182 
U   C4    O4     doub N N 183 
U   C4    C5     sing N N 184 
U   C5    C6     doub N N 185 
U   C5    H5     sing N N 186 
U   C6    H6     sing N N 187 
# 
loop_
_ndb_struct_conf_na.entry_id 
_ndb_struct_conf_na.feature 
1MV1 'double helix'         
1MV1 'a-form double helix'  
1MV1 'mismatched base pair' 
# 
loop_
_ndb_struct_na_base_pair.model_number 
_ndb_struct_na_base_pair.i_label_asym_id 
_ndb_struct_na_base_pair.i_label_comp_id 
_ndb_struct_na_base_pair.i_label_seq_id 
_ndb_struct_na_base_pair.i_symmetry 
_ndb_struct_na_base_pair.j_label_asym_id 
_ndb_struct_na_base_pair.j_label_comp_id 
_ndb_struct_na_base_pair.j_label_seq_id 
_ndb_struct_na_base_pair.j_symmetry 
_ndb_struct_na_base_pair.shear 
_ndb_struct_na_base_pair.stretch 
_ndb_struct_na_base_pair.stagger 
_ndb_struct_na_base_pair.buckle 
_ndb_struct_na_base_pair.propeller 
_ndb_struct_na_base_pair.opening 
_ndb_struct_na_base_pair.pair_number 
_ndb_struct_na_base_pair.pair_name 
_ndb_struct_na_base_pair.i_auth_asym_id 
_ndb_struct_na_base_pair.i_auth_seq_id 
_ndb_struct_na_base_pair.i_PDB_ins_code 
_ndb_struct_na_base_pair.j_auth_asym_id 
_ndb_struct_na_base_pair.j_auth_seq_id 
_ndb_struct_na_base_pair.j_PDB_ins_code 
_ndb_struct_na_base_pair.hbond_type_28 
_ndb_struct_na_base_pair.hbond_type_12 
1 A G   1 1_555 B C   8 1_555 -0.636 -0.177 -0.291 -7.616  -4.074 -1.186  1 A_G1:C8_B   A 1 ? B 8 ? 19 1  
1 A G   2 1_555 B C   7 1_555 -0.379 -0.087 -0.010 -1.238  -6.373 -0.639  2 A_G2:C7_B   A 2 ? B 7 ? 19 1  
1 A C   3 1_555 B G   6 1_555 0.627  -0.161 -0.052 5.588   -8.421 -0.543  3 A_C3:G6_B   A 3 ? B 6 ? 19 1  
1 A P5P 4 1_555 B A   5 1_555 6.545  -4.722 -0.213 12.143  -7.268 -22.937 4 A_P5P4:A5_B A 4 ? B 5 ? ?  10 
1 A A   5 1_555 B P5P 4 1_555 -6.550 -4.733 -0.229 -11.863 -7.785 -23.302 5 A_A5:P5P4_B A 5 ? B 4 ? ?  10 
1 A G   6 1_555 B C   3 1_555 -0.658 -0.172 -0.080 -6.199  -9.284 -0.638  6 A_G6:C3_B   A 6 ? B 3 ? 19 1  
1 A C   7 1_555 B G   2 1_555 0.424  -0.093 0.023  0.007   -6.008 -0.387  7 A_C7:G2_B   A 7 ? B 2 ? 19 1  
1 A C   8 1_555 B G   1 1_555 0.629  -0.174 -0.284 7.576   -3.889 -1.219  8 A_C8:G1_B   A 8 ? B 1 ? 19 1  
# 
loop_
_ndb_struct_na_base_pair_step.model_number 
_ndb_struct_na_base_pair_step.i_label_asym_id_1 
_ndb_struct_na_base_pair_step.i_label_comp_id_1 
_ndb_struct_na_base_pair_step.i_label_seq_id_1 
_ndb_struct_na_base_pair_step.i_symmetry_1 
_ndb_struct_na_base_pair_step.j_label_asym_id_1 
_ndb_struct_na_base_pair_step.j_label_comp_id_1 
_ndb_struct_na_base_pair_step.j_label_seq_id_1 
_ndb_struct_na_base_pair_step.j_symmetry_1 
_ndb_struct_na_base_pair_step.i_label_asym_id_2 
_ndb_struct_na_base_pair_step.i_label_comp_id_2 
_ndb_struct_na_base_pair_step.i_label_seq_id_2 
_ndb_struct_na_base_pair_step.i_symmetry_2 
_ndb_struct_na_base_pair_step.j_label_asym_id_2 
_ndb_struct_na_base_pair_step.j_label_comp_id_2 
_ndb_struct_na_base_pair_step.j_label_seq_id_2 
_ndb_struct_na_base_pair_step.j_symmetry_2 
_ndb_struct_na_base_pair_step.shift 
_ndb_struct_na_base_pair_step.slide 
_ndb_struct_na_base_pair_step.rise 
_ndb_struct_na_base_pair_step.tilt 
_ndb_struct_na_base_pair_step.roll 
_ndb_struct_na_base_pair_step.twist 
_ndb_struct_na_base_pair_step.x_displacement 
_ndb_struct_na_base_pair_step.y_displacement 
_ndb_struct_na_base_pair_step.helical_rise 
_ndb_struct_na_base_pair_step.inclination 
_ndb_struct_na_base_pair_step.tip 
_ndb_struct_na_base_pair_step.helical_twist 
_ndb_struct_na_base_pair_step.step_number 
_ndb_struct_na_base_pair_step.step_name 
_ndb_struct_na_base_pair_step.i_auth_asym_id_1 
_ndb_struct_na_base_pair_step.i_auth_seq_id_1 
_ndb_struct_na_base_pair_step.i_PDB_ins_code_1 
_ndb_struct_na_base_pair_step.j_auth_asym_id_1 
_ndb_struct_na_base_pair_step.j_auth_seq_id_1 
_ndb_struct_na_base_pair_step.j_PDB_ins_code_1 
_ndb_struct_na_base_pair_step.i_auth_asym_id_2 
_ndb_struct_na_base_pair_step.i_auth_seq_id_2 
_ndb_struct_na_base_pair_step.i_PDB_ins_code_2 
_ndb_struct_na_base_pair_step.j_auth_asym_id_2 
_ndb_struct_na_base_pair_step.j_auth_seq_id_2 
_ndb_struct_na_base_pair_step.j_PDB_ins_code_2 
1 A G   1 1_555 B C   8 1_555 A G   2 1_555 B C   7 1_555 -0.040 -1.951 3.105 -1.480 3.289 30.666  -4.252 -0.190 2.883 6.191   
2.786  30.873  1 AA_G1G2:C7C8_BB     A 1 ? B 8 ? A 2 ? B 7 ? 
1 A G   2 1_555 B C   7 1_555 A C   3 1_555 B G   6 1_555 -0.143 -1.934 3.132 -0.444 1.600 33.269  -3.625 0.180  3.039 2.793   
0.774  33.309  2 AA_G2C3:G6C7_BB     A 2 ? B 7 ? A 3 ? B 6 ? 
1 A C   3 1_555 B G   6 1_555 A P5P 4 1_555 B A   5 1_555 -1.917 -1.052 3.271 -1.108 1.586 59.112  -1.147 1.886  3.277 1.607   
1.123  59.141  3 AA_C3P5P4:A5G6_BB   A 3 ? B 6 ? A 4 ? B 5 ? 
1 A P5P 4 1_555 B A   5 1_555 A A   5 1_555 B P5P 4 1_555 -0.030 -1.089 3.765 -0.060 6.605 -11.838 -3.717 -0.203 3.820 -29.229 
-0.267 -13.550 4 AA_P5P4A5:P5P4A5_BB A 4 ? B 5 ? A 5 ? B 4 ? 
1 A A   5 1_555 B P5P 4 1_555 A G   6 1_555 B C   3 1_555 1.895  -1.061 3.311 0.946  2.163 59.239  -1.183 -1.867 3.301 2.187   
-0.957 59.281  5 AA_A5G6:C3P5P4_BB   A 5 ? B 4 ? A 6 ? B 3 ? 
1 A G   6 1_555 B C   3 1_555 A C   7 1_555 B G   2 1_555 0.173  -1.918 3.139 0.030  2.031 33.811  -3.600 -0.293 3.022 3.488   
-0.052 33.870  6 AA_G6C7:G2C3_BB     A 6 ? B 3 ? A 7 ? B 2 ? 
1 A C   7 1_555 B G   2 1_555 A C   8 1_555 B G   1 1_555 0.039  -1.965 3.071 1.838  3.168 30.412  -4.288 0.255  2.854 6.011   
-3.487 30.627  7 AA_C7C8:G1G2_BB     A 7 ? B 2 ? A 8 ? B 1 ? 
# 
_pdbx_nmr_spectrometer.spectrometer_id   1 
_pdbx_nmr_spectrometer.type              ? 
_pdbx_nmr_spectrometer.manufacturer      Varian 
_pdbx_nmr_spectrometer.model             INOVA 
_pdbx_nmr_spectrometer.field_strength    500 
# 
_atom_sites.entry_id                    1MV1 
_atom_sites.fract_transf_matrix[1][1]   1.000000 
_atom_sites.fract_transf_matrix[1][2]   0.000000 
_atom_sites.fract_transf_matrix[1][3]   0.000000 
_atom_sites.fract_transf_matrix[2][1]   0.000000 
_atom_sites.fract_transf_matrix[2][2]   1.000000 
_atom_sites.fract_transf_matrix[2][3]   0.000000 
_atom_sites.fract_transf_matrix[3][1]   0.000000 
_atom_sites.fract_transf_matrix[3][2]   0.000000 
_atom_sites.fract_transf_matrix[3][3]   1.000000 
_atom_sites.fract_transf_vector[1]      0.00000 
_atom_sites.fract_transf_vector[2]      0.00000 
_atom_sites.fract_transf_vector[3]      0.00000 
# 
loop_
_atom_type.symbol 
C 
H 
N 
O 
P 
# 
loop_
_atom_site.group_PDB 
_atom_site.id 
_atom_site.type_symbol 
_atom_site.label_atom_id 
_atom_site.label_alt_id 
_atom_site.label_comp_id 
_atom_site.label_asym_id 
_atom_site.label_entity_id 
_atom_site.label_seq_id 
_atom_site.pdbx_PDB_ins_code 
_atom_site.Cartn_x 
_atom_site.Cartn_y 
_atom_site.Cartn_z 
_atom_site.occupancy 
_atom_site.B_iso_or_equiv 
_atom_site.pdbx_formal_charge 
_atom_site.auth_seq_id 
_atom_site.auth_comp_id 
_atom_site.auth_asym_id 
_atom_site.auth_atom_id 
_atom_site.pdbx_PDB_model_num 
ATOM   1   O "O5'"  . G   A 1 1 ? 11.824  5.363  4.915   1.00 0.00 ? 1 G   A "O5'"  1 
ATOM   2   C "C5'"  . G   A 1 1 ? 12.071  6.729  5.197   1.00 0.00 ? 1 G   A "C5'"  1 
ATOM   3   C "C4'"  . G   A 1 1 ? 11.709  7.652  4.024   1.00 0.00 ? 1 G   A "C4'"  1 
ATOM   4   O "O4'"  . G   A 1 1 ? 12.570  7.461  2.908   1.00 0.00 ? 1 G   A "O4'"  1 
ATOM   5   C "C3'"  . G   A 1 1 ? 10.284  7.480  3.495   1.00 0.00 ? 1 G   A "C3'"  1 
ATOM   6   O "O3'"  . G   A 1 1 ? 9.318   8.119  4.315   1.00 0.00 ? 1 G   A "O3'"  1 
ATOM   7   C "C2'"  . G   A 1 1 ? 10.433  8.118  2.117   1.00 0.00 ? 1 G   A "C2'"  1 
ATOM   8   O "O2'"  . G   A 1 1 ? 10.470  9.532  2.187   1.00 0.00 ? 1 G   A "O2'"  1 
ATOM   9   C "C1'"  . G   A 1 1 ? 11.816  7.605  1.707   1.00 0.00 ? 1 G   A "C1'"  1 
ATOM   10  N N9     . G   A 1 1 ? 11.711  6.295  1.017   1.00 0.00 ? 1 G   A N9     1 
ATOM   11  C C8     . G   A 1 1 ? 12.083  5.051  1.467   1.00 0.00 ? 1 G   A C8     1 
ATOM   12  N N7     . G   A 1 1 ? 11.841  4.084  0.628   1.00 0.00 ? 1 G   A N7     1 
ATOM   13  C C5     . G   A 1 1 ? 11.269  4.726  -0.469  1.00 0.00 ? 1 G   A C5     1 
ATOM   14  C C6     . G   A 1 1 ? 10.789  4.198  -1.712  1.00 0.00 ? 1 G   A C6     1 
ATOM   15  O O6     . G   A 1 1 ? 10.793  3.033  -2.105  1.00 0.00 ? 1 G   A O6     1 
ATOM   16  N N1     . G   A 1 1 ? 10.272  5.180  -2.549  1.00 0.00 ? 1 G   A N1     1 
ATOM   17  C C2     . G   A 1 1 ? 10.263  6.521  -2.249  1.00 0.00 ? 1 G   A C2     1 
ATOM   18  N N2     . G   A 1 1 ? 9.765   7.339  -3.168  1.00 0.00 ? 1 G   A N2     1 
ATOM   19  N N3     . G   A 1 1 ? 10.716  7.034  -1.096  1.00 0.00 ? 1 G   A N3     1 
ATOM   20  C C4     . G   A 1 1 ? 11.201  6.085  -0.243  1.00 0.00 ? 1 G   A C4     1 
ATOM   21  H "H5'"  . G   A 1 1 ? 13.129  6.857  5.430   1.00 0.00 ? 1 G   A "H5'"  1 
ATOM   22  H "H5''" . G   A 1 1 ? 11.486  7.019  6.071   1.00 0.00 ? 1 G   A "H5''" 1 
ATOM   23  H "H4'"  . G   A 1 1 ? 11.825  8.684  4.357   1.00 0.00 ? 1 G   A "H4'"  1 
ATOM   24  H "H3'"  . G   A 1 1 ? 10.062  6.419  3.378   1.00 0.00 ? 1 G   A "H3'"  1 
ATOM   25  H "H2'"  . G   A 1 1 ? 9.651   7.791  1.432   1.00 0.00 ? 1 G   A "H2'"  1 
ATOM   26  H "HO2'" . G   A 1 1 ? 9.744   9.818  2.750   1.00 0.00 ? 1 G   A "HO2'" 1 
ATOM   27  H "H1'"  . G   A 1 1 ? 12.290  8.323  1.037   1.00 0.00 ? 1 G   A "H1'"  1 
ATOM   28  H H8     . G   A 1 1 ? 12.535  4.885  2.433   1.00 0.00 ? 1 G   A H8     1 
ATOM   29  H H1     . G   A 1 1 ? 9.903   4.866  -3.437  1.00 0.00 ? 1 G   A H1     1 
ATOM   30  H H21    . G   A 1 1 ? 9.380   6.962  -4.032  1.00 0.00 ? 1 G   A H21    1 
ATOM   31  H H22    . G   A 1 1 ? 9.742   8.324  -2.970  1.00 0.00 ? 1 G   A H22    1 
ATOM   32  H "HO5'" . G   A 1 1 ? 10.876  5.204  4.923   1.00 0.00 ? 1 G   A "HO5'" 1 
ATOM   33  P P      . G   A 1 2 ? 7.776   7.633  4.351   1.00 0.00 ? 2 G   A P      1 
ATOM   34  O OP1    . G   A 1 2 ? 7.057   8.462  5.344   1.00 0.00 ? 2 G   A OP1    1 
ATOM   35  O OP2    . G   A 1 2 ? 7.761   6.158  4.476   1.00 0.00 ? 2 G   A OP2    1 
ATOM   36  O "O5'"  . G   A 1 2 ? 7.242   8.017  2.879   1.00 0.00 ? 2 G   A "O5'"  1 
ATOM   37  C "C5'"  . G   A 1 2 ? 6.977   9.358  2.509   1.00 0.00 ? 2 G   A "C5'"  1 
ATOM   38  C "C4'"  . G   A 1 2 ? 6.583   9.442  1.033   1.00 0.00 ? 2 G   A "C4'"  1 
ATOM   39  O "O4'"  . G   A 1 2 ? 7.574   8.874  0.184   1.00 0.00 ? 2 G   A "O4'"  1 
ATOM   40  C "C3'"  . G   A 1 2 ? 5.275   8.718  0.715   1.00 0.00 ? 2 G   A "C3'"  1 
ATOM   41  O "O3'"  . G   A 1 2 ? 4.128   9.484  1.050   1.00 0.00 ? 2 G   A "O3'"  1 
ATOM   42  C "C2'"  . G   A 1 2 ? 5.440   8.526  -0.790  1.00 0.00 ? 2 G   A "C2'"  1 
ATOM   43  O "O2'"  . G   A 1 2 ? 5.182   9.719  -1.509  1.00 0.00 ? 2 G   A "O2'"  1 
ATOM   44  C "C1'"  . G   A 1 2 ? 6.930   8.209  -0.897  1.00 0.00 ? 2 G   A "C1'"  1 
ATOM   45  N N9     . G   A 1 2 ? 7.151   6.743  -0.848  1.00 0.00 ? 2 G   A N9     1 
ATOM   46  C C8     . G   A 1 2 ? 7.642   5.960  0.167   1.00 0.00 ? 2 G   A C8     1 
ATOM   47  N N7     . G   A 1 2 ? 7.733   4.693  -0.131  1.00 0.00 ? 2 G   A N7     1 
ATOM   48  C C5     . G   A 1 2 ? 7.252   4.619  -1.438  1.00 0.00 ? 2 G   A C5     1 
ATOM   49  C C6     . G   A 1 2 ? 7.107   3.499  -2.324  1.00 0.00 ? 2 G   A C6     1 
ATOM   50  O O6     . G   A 1 2 ? 7.409   2.322  -2.138  1.00 0.00 ? 2 G   A O6     1 
ATOM   51  N N1     . G   A 1 2 ? 6.531   3.848  -3.541  1.00 0.00 ? 2 G   A N1     1 
ATOM   52  C C2     . G   A 1 2 ? 6.179   5.130  -3.888  1.00 0.00 ? 2 G   A C2     1 
ATOM   53  N N2     . G   A 1 2 ? 5.621   5.304  -5.079  1.00 0.00 ? 2 G   A N2     1 
ATOM   54  N N3     . G   A 1 2 ? 6.344   6.191  -3.089  1.00 0.00 ? 2 G   A N3     1 
ATOM   55  C C4     . G   A 1 2 ? 6.878   5.870  -1.875  1.00 0.00 ? 2 G   A C4     1 
ATOM   56  H "H5'"  . G   A 1 2 ? 7.864   9.968  2.672   1.00 0.00 ? 2 G   A "H5'"  1 
ATOM   57  H "H5''" . G   A 1 2 ? 6.162   9.753  3.119   1.00 0.00 ? 2 G   A "H5''" 1 
ATOM   58  H "H4'"  . G   A 1 2 ? 6.464   10.492 0.762   1.00 0.00 ? 2 G   A "H4'"  1 
ATOM   59  H "H3'"  . G   A 1 2 ? 5.267   7.747  1.213   1.00 0.00 ? 2 G   A "H3'"  1 
ATOM   60  H "H2'"  . G   A 1 2 ? 4.819   7.712  -1.162  1.00 0.00 ? 2 G   A "H2'"  1 
ATOM   61  H "HO2'" . G   A 1 2 ? 4.353   10.079 -1.187  1.00 0.00 ? 2 G   A "HO2'" 1 
ATOM   62  H "H1'"  . G   A 1 2 ? 7.310   8.583  -1.849  1.00 0.00 ? 2 G   A "H1'"  1 
ATOM   63  H H8     . G   A 1 2 ? 7.940   6.356  1.125   1.00 0.00 ? 2 G   A H8     1 
ATOM   64  H H1     . G   A 1 2 ? 6.372   3.097  -4.198  1.00 0.00 ? 2 G   A H1     1 
ATOM   65  H H21    . G   A 1 2 ? 5.437   4.509  -5.687  1.00 0.00 ? 2 G   A H21    1 
ATOM   66  H H22    . G   A 1 2 ? 5.362   6.238  -5.347  1.00 0.00 ? 2 G   A H22    1 
ATOM   67  P P      . C   A 1 3 ? 2.690   8.795  1.325   1.00 0.00 ? 3 C   A P      1 
ATOM   68  O OP1    . C   A 1 3 ? 1.736   9.864  1.695   1.00 0.00 ? 3 C   A OP1    1 
ATOM   69  O OP2    . C   A 1 3 ? 2.896   7.647  2.234   1.00 0.00 ? 3 C   A OP2    1 
ATOM   70  O "O5'"  . C   A 1 3 ? 2.279   8.218  -0.123  1.00 0.00 ? 3 C   A "O5'"  1 
ATOM   71  C "C5'"  . C   A 1 3 ? 1.812   9.055  -1.166  1.00 0.00 ? 3 C   A "C5'"  1 
ATOM   72  C "C4'"  . C   A 1 3 ? 1.633   8.257  -2.463  1.00 0.00 ? 3 C   A "C4'"  1 
ATOM   73  O "O4'"  . C   A 1 3 ? 2.815   7.555  -2.836  1.00 0.00 ? 3 C   A "O4'"  1 
ATOM   74  C "C3'"  . C   A 1 3 ? 0.524   7.212  -2.378  1.00 0.00 ? 3 C   A "C3'"  1 
ATOM   75  O "O3'"  . C   A 1 3 ? -0.766  7.766  -2.582  1.00 0.00 ? 3 C   A "O3'"  1 
ATOM   76  C "C2'"  . C   A 1 3 ? 0.931   6.300  -3.530  1.00 0.00 ? 3 C   A "C2'"  1 
ATOM   77  O "O2'"  . C   A 1 3 ? 0.546   6.846  -4.779  1.00 0.00 ? 3 C   A "O2'"  1 
ATOM   78  C "C1'"  . C   A 1 3 ? 2.456   6.314  -3.439  1.00 0.00 ? 3 C   A "C1'"  1 
ATOM   79  N N1     . C   A 1 3 ? 2.952   5.122  -2.685  1.00 0.00 ? 3 C   A N1     1 
ATOM   80  C C2     . C   A 1 3 ? 3.006   3.894  -3.359  1.00 0.00 ? 3 C   A C2     1 
ATOM   81  O O2     . C   A 1 3 ? 2.611   3.779  -4.519  1.00 0.00 ? 3 C   A O2     1 
ATOM   82  N N3     . C   A 1 3 ? 3.510   2.805  -2.721  1.00 0.00 ? 3 C   A N3     1 
ATOM   83  C C4     . C   A 1 3 ? 3.945   2.895  -1.464  1.00 0.00 ? 3 C   A C4     1 
ATOM   84  N N4     . C   A 1 3 ? 4.452   1.801  -0.914  1.00 0.00 ? 3 C   A N4     1 
ATOM   85  C C5     . C   A 1 3 ? 3.889   4.127  -0.735  1.00 0.00 ? 3 C   A C5     1 
ATOM   86  C C6     . C   A 1 3 ? 3.378   5.205  -1.378  1.00 0.00 ? 3 C   A C6     1 
ATOM   87  H "H5'"  . C   A 1 3 ? 2.528   9.857  -1.343  1.00 0.00 ? 3 C   A "H5'"  1 
ATOM   88  H "H5''" . C   A 1 3 ? 0.856   9.496  -0.882  1.00 0.00 ? 3 C   A "H5''" 1 
ATOM   89  H "H4'"  . C   A 1 3 ? 1.382   8.951  -3.266  1.00 0.00 ? 3 C   A "H4'"  1 
ATOM   90  H "H3'"  . C   A 1 3 ? 0.591   6.676  -1.430  1.00 0.00 ? 3 C   A "H3'"  1 
ATOM   91  H "H2'"  . C   A 1 3 ? 0.519   5.301  -3.410  1.00 0.00 ? 3 C   A "H2'"  1 
ATOM   92  H "HO2'" . C   A 1 3 ? -0.326  7.234  -4.658  1.00 0.00 ? 3 C   A "HO2'" 1 
ATOM   93  H "H1'"  . C   A 1 3 ? 2.864   6.276  -4.451  1.00 0.00 ? 3 C   A "H1'"  1 
ATOM   94  H H41    . C   A 1 3 ? 4.494   0.963  -1.486  1.00 0.00 ? 3 C   A H41    1 
ATOM   95  H H42    . C   A 1 3 ? 4.856   1.830  0.007   1.00 0.00 ? 3 C   A H42    1 
ATOM   96  H H5     . C   A 1 3 ? 4.230   4.226  0.284   1.00 0.00 ? 3 C   A H5     1 
ATOM   97  H H6     . C   A 1 3 ? 3.316   6.143  -0.850  1.00 0.00 ? 3 C   A H6     1 
HETATM 98  N N1     . P5P A 1 4 ? 1.728   -0.819 -0.873  1.00 0.00 ? 4 P5P A N1     1 
HETATM 99  C C2     . P5P A 1 4 ? 1.178   -1.037 -2.063  1.00 0.00 ? 4 P5P A C2     1 
HETATM 100 N N3     . P5P A 1 4 ? 0.492   -0.189 -2.836  1.00 0.00 ? 4 P5P A N3     1 
HETATM 101 C C4     . P5P A 1 4 ? 0.376   1.035  -2.242  1.00 0.00 ? 4 P5P A C4     1 
HETATM 102 C C5     . P5P A 1 4 ? 0.885   1.399  -1.018  1.00 0.00 ? 4 P5P A C5     1 
HETATM 103 C C6     . P5P A 1 4 ? 1.607   0.404  -0.323  1.00 0.00 ? 4 P5P A C6     1 
HETATM 104 N N7     . P5P A 1 4 ? 0.549   2.712  -0.713  1.00 0.00 ? 4 P5P A N7     1 
HETATM 105 C C8     . P5P A 1 4 ? -0.137  3.097  -1.752  1.00 0.00 ? 4 P5P A C8     1 
HETATM 106 N N9     . P5P A 1 4 ? -0.264  2.149  -2.741  1.00 0.00 ? 4 P5P A N9     1 
HETATM 107 C "C1'"  . P5P A 1 4 ? -0.914  2.258  -4.073  1.00 0.00 ? 4 P5P A "C1'"  1 
HETATM 108 C "C2'"  . P5P A 1 4 ? -2.350  1.730  -4.061  1.00 0.00 ? 4 P5P A "C2'"  1 
HETATM 109 O "O2'"  . P5P A 1 4 ? -2.667  1.246  -5.358  1.00 0.00 ? 4 P5P A "O2'"  1 
HETATM 110 C "C3'"  . P5P A 1 4 ? -3.140  2.995  -3.724  1.00 0.00 ? 4 P5P A "C3'"  1 
HETATM 111 O "O3'"  . P5P A 1 4 ? -4.506  2.964  -4.117  1.00 0.00 ? 4 P5P A "O3'"  1 
HETATM 112 C "C4'"  . P5P A 1 4 ? -2.351  4.025  -4.533  1.00 0.00 ? 4 P5P A "C4'"  1 
HETATM 113 O "O4'"  . P5P A 1 4 ? -0.987  3.619  -4.486  1.00 0.00 ? 4 P5P A "O4'"  1 
HETATM 114 C "C5'"  . P5P A 1 4 ? -2.552  5.469  -4.058  1.00 0.00 ? 4 P5P A "C5'"  1 
HETATM 115 O "O5'"  . P5P A 1 4 ? -2.115  5.624  -2.723  1.00 0.00 ? 4 P5P A "O5'"  1 
HETATM 116 P P      . P5P A 1 4 ? -2.090  7.059  -1.989  1.00 0.00 ? 4 P5P A P      1 
HETATM 117 O OP1    . P5P A 1 4 ? -3.263  7.836  -2.443  1.00 0.00 ? 4 P5P A OP1    1 
HETATM 118 O OP2    . P5P A 1 4 ? -1.869  6.827  -0.546  1.00 0.00 ? 4 P5P A OP2    1 
HETATM 119 H H2     . P5P A 1 4 ? 1.342   -2.026 -2.451  1.00 0.00 ? 4 P5P A H2     1 
HETATM 120 H H6     . P5P A 1 4 ? 2.040   0.606  0.646   1.00 0.00 ? 4 P5P A H6     1 
HETATM 121 H H8     . P5P A 1 4 ? -0.551  4.088  -1.825  1.00 0.00 ? 4 P5P A H8     1 
HETATM 122 H "H1'"  . P5P A 1 4 ? -0.324  1.686  -4.791  1.00 0.00 ? 4 P5P A "H1'"  1 
HETATM 123 H "H2'"  . P5P A 1 4 ? -2.491  0.951  -3.311  1.00 0.00 ? 4 P5P A "H2'"  1 
HETATM 124 H "HO2'" . P5P A 1 4 ? -3.621  1.113  -5.407  1.00 0.00 ? 4 P5P A "HO2'" 1 
HETATM 125 H "H3'"  . P5P A 1 4 ? -3.050  3.209  -2.659  1.00 0.00 ? 4 P5P A "H3'"  1 
HETATM 126 H "H4'"  . P5P A 1 4 ? -2.680  3.960  -5.570  1.00 0.00 ? 4 P5P A "H4'"  1 
HETATM 127 H "H5'1" . P5P A 1 4 ? -1.993  6.138  -4.711  1.00 0.00 ? 4 P5P A "H5'1" 1 
HETATM 128 H "H5'2" . P5P A 1 4 ? -3.612  5.723  -4.123  1.00 0.00 ? 4 P5P A "H5'2" 1 
ATOM   129 P P      . A   A 1 5 ? -5.579  1.934  -3.481  1.00 0.00 ? 5 A   A P      1 
ATOM   130 O OP1    . A   A 1 5 ? -6.906  2.588  -3.471  1.00 0.00 ? 5 A   A OP1    1 
ATOM   131 O OP2    . A   A 1 5 ? -5.019  1.370  -2.234  1.00 0.00 ? 5 A   A OP2    1 
ATOM   132 O "O5'"  . A   A 1 5 ? -5.589  0.772  -4.605  1.00 0.00 ? 5 A   A "O5'"  1 
ATOM   133 C "C5'"  . A   A 1 5 ? -6.073  1.008  -5.916  1.00 0.00 ? 5 A   A "C5'"  1 
ATOM   134 C "C4'"  . A   A 1 5 ? -6.016  -0.267 -6.764  1.00 0.00 ? 5 A   A "C4'"  1 
ATOM   135 O "O4'"  . A   A 1 5 ? -4.693  -0.785 -6.865  1.00 0.00 ? 5 A   A "O4'"  1 
ATOM   136 C "C3'"  . A   A 1 5 ? -6.880  -1.405 -6.218  1.00 0.00 ? 5 A   A "C3'"  1 
ATOM   137 O "O3'"  . A   A 1 5 ? -8.244  -1.337 -6.603  1.00 0.00 ? 5 A   A "O3'"  1 
ATOM   138 C "C2'"  . A   A 1 5 ? -6.195  -2.610 -6.851  1.00 0.00 ? 5 A   A "C2'"  1 
ATOM   139 O "O2'"  . A   A 1 5 ? -6.550  -2.763 -8.215  1.00 0.00 ? 5 A   A "O2'"  1 
ATOM   140 C "C1'"  . A   A 1 5 ? -4.728  -2.206 -6.743  1.00 0.00 ? 5 A   A "C1'"  1 
ATOM   141 N N9     . A   A 1 5 ? -4.168  -2.631 -5.434  1.00 0.00 ? 5 A   A N9     1 
ATOM   142 C C8     . A   A 1 5 ? -3.749  -1.849 -4.387  1.00 0.00 ? 5 A   A C8     1 
ATOM   143 N N7     . A   A 1 5 ? -3.248  -2.509 -3.387  1.00 0.00 ? 5 A   A N7     1 
ATOM   144 C C5     . A   A 1 5 ? -3.347  -3.833 -3.785  1.00 0.00 ? 5 A   A C5     1 
ATOM   145 C C6     . A   A 1 5 ? -2.966  -5.049 -3.180  1.00 0.00 ? 5 A   A C6     1 
ATOM   146 N N6     . A   A 1 5 ? -2.364  -5.109 -1.995  1.00 0.00 ? 5 A   A N6     1 
ATOM   147 N N1     . A   A 1 5 ? -3.191  -6.204 -3.832  1.00 0.00 ? 5 A   A N1     1 
ATOM   148 C C2     . A   A 1 5 ? -3.764  -6.150 -5.034  1.00 0.00 ? 5 A   A C2     1 
ATOM   149 N N3     . A   A 1 5 ? -4.159  -5.076 -5.718  1.00 0.00 ? 5 A   A N3     1 
ATOM   150 C C4     . A   A 1 5 ? -3.915  -3.925 -5.030  1.00 0.00 ? 5 A   A C4     1 
ATOM   151 H "H5'"  . A   A 1 5 ? -5.467  1.779  -6.396  1.00 0.00 ? 5 A   A "H5'"  1 
ATOM   152 H "H5''" . A   A 1 5 ? -7.106  1.356  -5.869  1.00 0.00 ? 5 A   A "H5''" 1 
ATOM   153 H "H4'"  . A   A 1 5 ? -6.363  -0.033 -7.771  1.00 0.00 ? 5 A   A "H4'"  1 
ATOM   154 H "H3'"  . A   A 1 5 ? -6.769  -1.465 -5.136  1.00 0.00 ? 5 A   A "H3'"  1 
ATOM   155 H "H2'"  . A   A 1 5 ? -6.406  -3.528 -6.304  1.00 0.00 ? 5 A   A "H2'"  1 
ATOM   156 H "HO2'" . A   A 1 5 ? -7.501  -2.635 -8.282  1.00 0.00 ? 5 A   A "HO2'" 1 
ATOM   157 H "H1'"  . A   A 1 5 ? -4.153  -2.673 -7.543  1.00 0.00 ? 5 A   A "H1'"  1 
ATOM   158 H H8     . A   A 1 5 ? -3.804  -0.777 -4.388  1.00 0.00 ? 5 A   A H8     1 
ATOM   159 H H61    . A   A 1 5 ? -2.046  -5.997 -1.638  1.00 0.00 ? 5 A   A H61    1 
ATOM   160 H H62    . A   A 1 5 ? -2.177  -4.243 -1.502  1.00 0.00 ? 5 A   A H62    1 
ATOM   161 H H2     . A   A 1 5 ? -3.924  -7.101 -5.520  1.00 0.00 ? 5 A   A H2     1 
ATOM   162 P P      . G   A 1 6 ? -9.426  -1.233 -5.505  1.00 0.00 ? 6 G   A P      1 
ATOM   163 O OP1    . G   A 1 6 ? -10.722 -1.362 -6.204  1.00 0.00 ? 6 G   A OP1    1 
ATOM   164 O OP2    . G   A 1 6 ? -9.160  -0.059 -4.646  1.00 0.00 ? 6 G   A OP2    1 
ATOM   165 O "O5'"  . G   A 1 6 ? -9.179  -2.564 -4.627  1.00 0.00 ? 6 G   A "O5'"  1 
ATOM   166 C "C5'"  . G   A 1 6 ? -9.298  -3.861 -5.180  1.00 0.00 ? 6 G   A "C5'"  1 
ATOM   167 C "C4'"  . G   A 1 6 ? -8.507  -4.868 -4.339  1.00 0.00 ? 6 G   A "C4'"  1 
ATOM   168 O "O4'"  . G   A 1 6 ? -7.146  -4.475 -4.214  1.00 0.00 ? 6 G   A "O4'"  1 
ATOM   169 C "C3'"  . G   A 1 6 ? -9.025  -5.048 -2.912  1.00 0.00 ? 6 G   A "C3'"  1 
ATOM   170 O "O3'"  . G   A 1 6 ? -10.138 -5.926 -2.831  1.00 0.00 ? 6 G   A "O3'"  1 
ATOM   171 C "C2'"  . G   A 1 6 ? -7.775  -5.628 -2.253  1.00 0.00 ? 6 G   A "C2'"  1 
ATOM   172 O "O2'"  . G   A 1 6 ? -7.585  -6.993 -2.588  1.00 0.00 ? 6 G   A "O2'"  1 
ATOM   173 C "C1'"  . G   A 1 6 ? -6.671  -4.809 -2.916  1.00 0.00 ? 6 G   A "C1'"  1 
ATOM   174 N N9     . G   A 1 6 ? -6.377  -3.594 -2.117  1.00 0.00 ? 6 G   A N9     1 
ATOM   175 C C8     . G   A 1 6 ? -6.769  -2.296 -2.324  1.00 0.00 ? 6 G   A C8     1 
ATOM   176 N N7     . G   A 1 6 ? -6.393  -1.463 -1.396  1.00 0.00 ? 6 G   A N7     1 
ATOM   177 C C5     . G   A 1 6 ? -5.692  -2.261 -0.497  1.00 0.00 ? 6 G   A C5     1 
ATOM   178 C C6     . G   A 1 6 ? -5.050  -1.929 0.742   1.00 0.00 ? 6 G   A C6     1 
ATOM   179 O O6     . G   A 1 6 ? -4.956  -0.834 1.290   1.00 0.00 ? 6 G   A O6     1 
ATOM   180 N N1     . G   A 1 6 ? -4.483  -3.033 1.365   1.00 0.00 ? 6 G   A N1     1 
ATOM   181 C C2     . G   A 1 6 ? -4.515  -4.309 0.854   1.00 0.00 ? 6 G   A C2     1 
ATOM   182 N N2     . G   A 1 6 ? -3.938  -5.260 1.578   1.00 0.00 ? 6 G   A N2     1 
ATOM   183 N N3     . G   A 1 6 ? -5.117  -4.638 -0.296  1.00 0.00 ? 6 G   A N3     1 
ATOM   184 C C4     . G   A 1 6 ? -5.682  -3.569 -0.930  1.00 0.00 ? 6 G   A C4     1 
ATOM   185 H "H5'"  . G   A 1 6 ? -8.890  -3.870 -6.192  1.00 0.00 ? 6 G   A "H5'"  1 
ATOM   186 H "H5''" . G   A 1 6 ? -10.348 -4.152 -5.221  1.00 0.00 ? 6 G   A "H5''" 1 
ATOM   187 H "H4'"  . G   A 1 6 ? -8.537  -5.838 -4.837  1.00 0.00 ? 6 G   A "H4'"  1 
ATOM   188 H "H3'"  . G   A 1 6 ? -9.253  -4.071 -2.482  1.00 0.00 ? 6 G   A "H3'"  1 
ATOM   189 H "H2'"  . G   A 1 6 ? -7.789  -5.500 -1.173  1.00 0.00 ? 6 G   A "H2'"  1 
ATOM   190 H "HO2'" . G   A 1 6 ? -8.440  -7.427 -2.539  1.00 0.00 ? 6 G   A "HO2'" 1 
ATOM   191 H "H1'"  . G   A 1 6 ? -5.766  -5.409 -2.997  1.00 0.00 ? 6 G   A "H1'"  1 
ATOM   192 H H8     . G   A 1 6 ? -7.348  -1.982 -3.175  1.00 0.00 ? 6 G   A H8     1 
ATOM   193 H H1     . G   A 1 6 ? -4.012  -2.860 2.243   1.00 0.00 ? 6 G   A H1     1 
ATOM   194 H H21    . G   A 1 6 ? -3.514  -5.031 2.474   1.00 0.00 ? 6 G   A H21    1 
ATOM   195 H H22    . G   A 1 6 ? -3.954  -6.203 1.228   1.00 0.00 ? 6 G   A H22    1 
ATOM   196 P P      . C   A 1 7 ? -11.186 -5.861 -1.600  1.00 0.00 ? 7 C   A P      1 
ATOM   197 O OP1    . C   A 1 7 ? -12.221 -6.895 -1.824  1.00 0.00 ? 7 C   A OP1    1 
ATOM   198 O OP2    . C   A 1 7 ? -11.588 -4.450 -1.410  1.00 0.00 ? 7 C   A OP2    1 
ATOM   199 O "O5'"  . C   A 1 7 ? -10.297 -6.297 -0.325  1.00 0.00 ? 7 C   A "O5'"  1 
ATOM   200 C "C5'"  . C   A 1 7 ? -9.901  -7.639 -0.107  1.00 0.00 ? 7 C   A "C5'"  1 
ATOM   201 C "C4'"  . C   A 1 7 ? -8.971  -7.741 1.107   1.00 0.00 ? 7 C   A "C4'"  1 
ATOM   202 O "O4'"  . C   A 1 7 ? -7.817  -6.914 0.984   1.00 0.00 ? 7 C   A "O4'"  1 
ATOM   203 C "C3'"  . C   A 1 7 ? -9.639  -7.331 2.418   1.00 0.00 ? 7 C   A "C3'"  1 
ATOM   204 O "O3'"  . C   A 1 7 ? -10.491 -8.337 2.945   1.00 0.00 ? 7 C   A "O3'"  1 
ATOM   205 C "C2'"  . C   A 1 7 ? -8.398  -7.089 3.271   1.00 0.00 ? 7 C   A "C2'"  1 
ATOM   206 O "O2'"  . C   A 1 7 ? -7.806  -8.301 3.705   1.00 0.00 ? 7 C   A "O2'"  1 
ATOM   207 C "C1'"  . C   A 1 7 ? -7.457  -6.417 2.272   1.00 0.00 ? 7 C   A "C1'"  1 
ATOM   208 N N1     . C   A 1 7 ? -7.552  -4.928 2.375   1.00 0.00 ? 7 C   A N1     1 
ATOM   209 C C2     . C   A 1 7 ? -6.904  -4.300 3.449   1.00 0.00 ? 7 C   A C2     1 
ATOM   210 O O2     . C   A 1 7 ? -6.273  -4.947 4.282   1.00 0.00 ? 7 C   A O2     1 
ATOM   211 N N3     . C   A 1 7 ? -6.980  -2.948 3.578   1.00 0.00 ? 7 C   A N3     1 
ATOM   212 C C4     . C   A 1 7 ? -7.665  -2.220 2.694   1.00 0.00 ? 7 C   A C4     1 
ATOM   213 N N4     . C   A 1 7 ? -7.685  -0.905 2.860   1.00 0.00 ? 7 C   A N4     1 
ATOM   214 C C5     . C   A 1 7 ? -8.350  -2.825 1.591   1.00 0.00 ? 7 C   A C5     1 
ATOM   215 C C6     . C   A 1 7 ? -8.270  -4.174 1.473   1.00 0.00 ? 7 C   A C6     1 
ATOM   216 H "H5'"  . C   A 1 7 ? -9.378  -8.018 -0.983  1.00 0.00 ? 7 C   A "H5'"  1 
ATOM   217 H "H5''" . C   A 1 7 ? -10.783 -8.257 0.067   1.00 0.00 ? 7 C   A "H5''" 1 
ATOM   218 H "H4'"  . C   A 1 7 ? -8.640  -8.775 1.203   1.00 0.00 ? 7 C   A "H4'"  1 
ATOM   219 H "H3'"  . C   A 1 7 ? -10.176 -6.392 2.271   1.00 0.00 ? 7 C   A "H3'"  1 
ATOM   220 H "H2'"  . C   A 1 7 ? -8.615  -6.451 4.126   1.00 0.00 ? 7 C   A "H2'"  1 
ATOM   221 H "HO2'" . C   A 1 7 ? -8.498  -8.846 4.088   1.00 0.00 ? 7 C   A "HO2'" 1 
ATOM   222 H "H1'"  . C   A 1 7 ? -6.431  -6.714 2.499   1.00 0.00 ? 7 C   A "H1'"  1 
ATOM   223 H H41    . C   A 1 7 ? -7.162  -0.516 3.639   1.00 0.00 ? 7 C   A H41    1 
ATOM   224 H H42    . C   A 1 7 ? -8.124  -0.311 2.177   1.00 0.00 ? 7 C   A H42    1 
ATOM   225 H H5     . C   A 1 7 ? -8.907  -2.255 0.862   1.00 0.00 ? 7 C   A H5     1 
ATOM   226 H H6     . C   A 1 7 ? -8.775  -4.652 0.650   1.00 0.00 ? 7 C   A H6     1 
ATOM   227 P P      . C   A 1 8 ? -11.677 -7.992 3.992   1.00 0.00 ? 8 C   A P      1 
ATOM   228 O OP1    . C   A 1 8 ? -12.425 -9.239 4.264   1.00 0.00 ? 8 C   A OP1    1 
ATOM   229 O OP2    . C   A 1 8 ? -12.396 -6.796 3.502   1.00 0.00 ? 8 C   A OP2    1 
ATOM   230 O "O5'"  . C   A 1 8 ? -10.877 -7.575 5.329   1.00 0.00 ? 8 C   A "O5'"  1 
ATOM   231 C "C5'"  . C   A 1 8 ? -10.244 -8.534 6.158   1.00 0.00 ? 8 C   A "C5'"  1 
ATOM   232 C "C4'"  . C   A 1 8 ? -9.424  -7.845 7.252   1.00 0.00 ? 8 C   A "C4'"  1 
ATOM   233 O "O4'"  . C   A 1 8 ? -8.471  -6.936 6.712   1.00 0.00 ? 8 C   A "O4'"  1 
ATOM   234 C "C3'"  . C   A 1 8 ? -10.268 -7.029 8.230   1.00 0.00 ? 8 C   A "C3'"  1 
ATOM   235 O "O3'"  . C   A 1 8 ? -10.902 -7.809 9.231   1.00 0.00 ? 8 C   A "O3'"  1 
ATOM   236 C "C2'"  . C   A 1 8 ? -9.187  -6.131 8.821   1.00 0.00 ? 8 C   A "C2'"  1 
ATOM   237 O "O2'"  . C   A 1 8 ? -8.402  -6.819 9.779   1.00 0.00 ? 8 C   A "O2'"  1 
ATOM   238 C "C1'"  . C   A 1 8 ? -8.317  -5.832 7.602   1.00 0.00 ? 8 C   A "C1'"  1 
ATOM   239 N N1     . C   A 1 8 ? -8.703  -4.522 6.996   1.00 0.00 ? 8 C   A N1     1 
ATOM   240 C C2     . C   A 1 8 ? -8.249  -3.355 7.622   1.00 0.00 ? 8 C   A C2     1 
ATOM   241 O O2     . C   A 1 8 ? -7.596  -3.393 8.663   1.00 0.00 ? 8 C   A O2     1 
ATOM   242 N N3     . C   A 1 8 ? -8.547  -2.148 7.076   1.00 0.00 ? 8 C   A N3     1 
ATOM   243 C C4     . C   A 1 8 ? -9.280  -2.068 5.966   1.00 0.00 ? 8 C   A C4     1 
ATOM   244 N N4     . C   A 1 8 ? -9.524  -0.858 5.485   1.00 0.00 ? 8 C   A N4     1 
ATOM   245 C C5     . C   A 1 8 ? -9.824  -3.234 5.337   1.00 0.00 ? 8 C   A C5     1 
ATOM   246 C C6     . C   A 1 8 ? -9.516  -4.435 5.888   1.00 0.00 ? 8 C   A C6     1 
ATOM   247 H "H5'"  . C   A 1 8 ? -9.580  -9.157 5.560   1.00 0.00 ? 8 C   A "H5'"  1 
ATOM   248 H "H5''" . C   A 1 8 ? -10.998 -9.172 6.621   1.00 0.00 ? 8 C   A "H5''" 1 
ATOM   249 H "H4'"  . C   A 1 8 ? -8.887  -8.608 7.819   1.00 0.00 ? 8 C   A "H4'"  1 
ATOM   250 H "H3'"  . C   A 1 8 ? -10.990 -6.426 7.675   1.00 0.00 ? 8 C   A "H3'"  1 
ATOM   251 H "H2'"  . C   A 1 8 ? -9.612  -5.229 9.253   1.00 0.00 ? 8 C   A "H2'"  1 
ATOM   252 H "HO2'" . C   A 1 8 ? -8.993  -7.373 10.295  1.00 0.00 ? 8 C   A "HO2'" 1 
ATOM   253 H "H1'"  . C   A 1 8 ? -7.274  -5.772 7.920   1.00 0.00 ? 8 C   A "H1'"  1 
ATOM   254 H H41    . C   A 1 8 ? -9.125  -0.066 5.980   1.00 0.00 ? 8 C   A H41    1 
ATOM   255 H H42    . C   A 1 8 ? -10.091 -0.734 4.665   1.00 0.00 ? 8 C   A H42    1 
ATOM   256 H H5     . C   A 1 8 ? -10.453 -3.188 4.460   1.00 0.00 ? 8 C   A H5     1 
ATOM   257 H H6     . C   A 1 8 ? -9.915  -5.329 5.440   1.00 0.00 ? 8 C   A H6     1 
ATOM   258 P P      . U   A 1 9 ? -12.241 -7.299 9.981   1.00 0.00 ? 9 U   A P      1 
ATOM   259 O OP1    . U   A 1 9 ? -12.574 -8.275 11.041  1.00 0.00 ? 9 U   A OP1    1 
ATOM   260 O OP2    . U   A 1 9 ? -13.245 -6.971 8.944   1.00 0.00 ? 9 U   A OP2    1 
ATOM   261 O "O5'"  . U   A 1 9 ? -11.788 -5.914 10.682  1.00 0.00 ? 9 U   A "O5'"  1 
ATOM   262 C "C5'"  . U   A 1 9 ? -11.023 -5.878 11.875  1.00 0.00 ? 9 U   A "C5'"  1 
ATOM   263 C "C4'"  . U   A 1 9 ? -10.682 -4.431 12.254  1.00 0.00 ? 9 U   A "C4'"  1 
ATOM   264 O "O4'"  . U   A 1 9 ? -9.956  -3.770 11.226  1.00 0.00 ? 9 U   A "O4'"  1 
ATOM   265 C "C3'"  . U   A 1 9 ? -11.910 -3.560 12.516  1.00 0.00 ? 9 U   A "C3'"  1 
ATOM   266 O "O3'"  . U   A 1 9 ? -12.455 -3.731 13.807  1.00 0.00 ? 9 U   A "O3'"  1 
ATOM   267 C "C2'"  . U   A 1 9 ? -11.314 -2.165 12.350  1.00 0.00 ? 9 U   A "C2'"  1 
ATOM   268 O "O2'"  . U   A 1 9 ? -10.634 -1.736 13.522  1.00 0.00 ? 9 U   A "O2'"  1 
ATOM   269 C "C1'"  . U   A 1 9 ? -10.296 -2.386 11.224  1.00 0.00 ? 9 U   A "C1'"  1 
ATOM   270 N N1     . U   A 1 9 ? -10.864 -1.940 9.919   1.00 0.00 ? 9 U   A N1     1 
ATOM   271 C C2     . U   A 1 9 ? -10.823 -0.571 9.635   1.00 0.00 ? 9 U   A C2     1 
ATOM   272 O O2     . U   A 1 9 ? -10.334 0.257  10.402  1.00 0.00 ? 9 U   A O2     1 
ATOM   273 N N3     . U   A 1 9 ? -11.390 -0.161 8.437   1.00 0.00 ? 9 U   A N3     1 
ATOM   274 C C4     . U   A 1 9 ? -12.055 -0.980 7.539   1.00 0.00 ? 9 U   A C4     1 
ATOM   275 O O4     . U   A 1 9 ? -12.558 -0.506 6.525   1.00 0.00 ? 9 U   A O4     1 
ATOM   276 C C5     . U   A 1 9 ? -12.087 -2.379 7.919   1.00 0.00 ? 9 U   A C5     1 
ATOM   277 C C6     . U   A 1 9 ? -11.506 -2.814 9.065   1.00 0.00 ? 9 U   A C6     1 
ATOM   278 H "H5'"  . U   A 1 9 ? -10.098 -6.436 11.741  1.00 0.00 ? 9 U   A "H5'"  1 
ATOM   279 H "H5''" . U   A 1 9 ? -11.593 -6.332 12.687  1.00 0.00 ? 9 U   A "H5''" 1 
ATOM   280 H "H4'"  . U   A 1 9 ? -10.066 -4.439 13.154  1.00 0.00 ? 9 U   A "H4'"  1 
ATOM   281 H "H3'"  . U   A 1 9 ? -12.668 -3.733 11.750  1.00 0.00 ? 9 U   A "H3'"  1 
ATOM   282 H "HO3'" . U   A 1 9 ? -11.933 -3.177 14.397  1.00 0.00 ? 9 U   A "HO3'" 1 
ATOM   283 H "H2'"  . U   A 1 9 ? -12.084 -1.442 12.076  1.00 0.00 ? 9 U   A "H2'"  1 
ATOM   284 H "HO2'" . U   A 1 9 ? -10.296 -0.847 13.377  1.00 0.00 ? 9 U   A "HO2'" 1 
ATOM   285 H "H1'"  . U   A 1 9 ? -9.396  -1.804 11.427  1.00 0.00 ? 9 U   A "H1'"  1 
ATOM   286 H H3     . U   A 1 9 ? -11.313 0.814  8.197   1.00 0.00 ? 9 U   A H3     1 
ATOM   287 H H5     . U   A 1 9 ? -12.585 -3.080 7.265   1.00 0.00 ? 9 U   A H5     1 
ATOM   288 H H6     . U   A 1 9 ? -11.558 -3.864 9.309   1.00 0.00 ? 9 U   A H6     1 
ATOM   289 O "O5'"  . G   B 1 1 ? -5.287  6.978  10.491  1.00 0.00 ? 1 G   B "O5'"  1 
ATOM   290 C "C5'"  . G   B 1 1 ? -4.875  6.953  11.846  1.00 0.00 ? 1 G   B "C5'"  1 
ATOM   291 C "C4'"  . G   B 1 1 ? -4.792  5.532  12.423  1.00 0.00 ? 1 G   B "C4'"  1 
ATOM   292 O "O4'"  . G   B 1 1 ? -6.074  4.932  12.564  1.00 0.00 ? 1 G   B "O4'"  1 
ATOM   293 C "C3'"  . G   B 1 1 ? -3.950  4.561  11.592  1.00 0.00 ? 1 G   B "C3'"  1 
ATOM   294 O "O3'"  . G   B 1 1 ? -2.558  4.715  11.820  1.00 0.00 ? 1 G   B "O3'"  1 
ATOM   295 C "C2'"  . G   B 1 1 ? -4.500  3.227  12.089  1.00 0.00 ? 1 G   B "C2'"  1 
ATOM   296 O "O2'"  . G   B 1 1 ? -3.994  2.887  13.367  1.00 0.00 ? 1 G   B "O2'"  1 
ATOM   297 C "C1'"  . G   B 1 1 ? -5.990  3.552  12.218  1.00 0.00 ? 1 G   B "C1'"  1 
ATOM   298 N N9     . G   B 1 1 ? -6.703  3.300  10.941  1.00 0.00 ? 1 G   B N9     1 
ATOM   299 C C8     . G   B 1 1 ? -7.235  4.205  10.056  1.00 0.00 ? 1 G   B C8     1 
ATOM   300 N N7     . G   B 1 1 ? -7.782  3.667  9.002   1.00 0.00 ? 1 G   B N7     1 
ATOM   301 C C5     . G   B 1 1 ? -7.605  2.298  9.195   1.00 0.00 ? 1 G   B C5     1 
ATOM   302 C C6     . G   B 1 1 ? -7.992  1.185  8.379   1.00 0.00 ? 1 G   B C6     1 
ATOM   303 O O6     . G   B 1 1 ? -8.596  1.190  7.309   1.00 0.00 ? 1 G   B O6     1 
ATOM   304 N N1     . G   B 1 1 ? -7.618  -0.038 8.926   1.00 0.00 ? 1 G   B N1     1 
ATOM   305 C C2     . G   B 1 1 ? -6.991  -0.178 10.141  1.00 0.00 ? 1 G   B C2     1 
ATOM   306 N N2     . G   B 1 1 ? -6.733  -1.416 10.542  1.00 0.00 ? 1 G   B N2     1 
ATOM   307 N N3     . G   B 1 1 ? -6.630  0.850  10.921  1.00 0.00 ? 1 G   B N3     1 
ATOM   308 C C4     . G   B 1 1 ? -6.959  2.065  10.390  1.00 0.00 ? 1 G   B C4     1 
ATOM   309 H "H5'"  . G   B 1 1 ? -5.581  7.532  12.443  1.00 0.00 ? 1 G   B "H5'"  1 
ATOM   310 H "H5''" . G   B 1 1 ? -3.893  7.423  11.923  1.00 0.00 ? 1 G   B "H5''" 1 
ATOM   311 H "H4'"  . G   B 1 1 ? -4.351  5.594  13.419  1.00 0.00 ? 1 G   B "H4'"  1 
ATOM   312 H "H3'"  . G   B 1 1 ? -4.193  4.675  10.536  1.00 0.00 ? 1 G   B "H3'"  1 
ATOM   313 H "H2'"  . G   B 1 1 ? -4.312  2.422  11.379  1.00 0.00 ? 1 G   B "H2'"  1 
ATOM   314 H "HO2'" . G   B 1 1 ? -3.044  3.031  13.354  1.00 0.00 ? 1 G   B "HO2'" 1 
ATOM   315 H "H1'"  . G   B 1 1 ? -6.434  2.933  12.998  1.00 0.00 ? 1 G   B "H1'"  1 
ATOM   316 H H8     . G   B 1 1 ? -7.209  5.273  10.217  1.00 0.00 ? 1 G   B H8     1 
ATOM   317 H H1     . G   B 1 1 ? -7.852  -0.861 8.388   1.00 0.00 ? 1 G   B H1     1 
ATOM   318 H H21    . G   B 1 1 ? -6.965  -2.206 9.945   1.00 0.00 ? 1 G   B H21    1 
ATOM   319 H H22    . G   B 1 1 ? -6.269  -1.545 11.425  1.00 0.00 ? 1 G   B H22    1 
ATOM   320 H "HO5'" . G   B 1 1 ? -4.566  6.669  9.935   1.00 0.00 ? 1 G   B "HO5'" 1 
ATOM   321 P P      . G   B 1 2 ? -1.463  4.306  10.702  1.00 0.00 ? 2 G   B P      1 
ATOM   322 O OP1    . G   B 1 2 ? -0.124  4.657  11.223  1.00 0.00 ? 2 G   B OP1    1 
ATOM   323 O OP2    . G   B 1 2 ? -1.911  4.848  9.400   1.00 0.00 ? 2 G   B OP2    1 
ATOM   324 O "O5'"  . G   B 1 2 ? -1.588  2.699  10.648  1.00 0.00 ? 2 G   B "O5'"  1 
ATOM   325 C "C5'"  . G   B 1 2 ? -1.080  1.878  11.683  1.00 0.00 ? 2 G   B "C5'"  1 
ATOM   326 C "C4'"  . G   B 1 2 ? -1.429  0.410  11.426  1.00 0.00 ? 2 G   B "C4'"  1 
ATOM   327 O "O4'"  . G   B 1 2 ? -2.831  0.216  11.276  1.00 0.00 ? 2 G   B "O4'"  1 
ATOM   328 C "C3'"  . G   B 1 2 ? -0.777  -0.152 10.164  1.00 0.00 ? 2 G   B "C3'"  1 
ATOM   329 O "O3'"  . G   B 1 2 ? 0.578   -0.526 10.368  1.00 0.00 ? 2 G   B "O3'"  1 
ATOM   330 C "C2'"  . G   B 1 2 ? -1.689  -1.349 9.907   1.00 0.00 ? 2 G   B "C2'"  1 
ATOM   331 O "O2'"  . G   B 1 2 ? -1.400  -2.432 10.773  1.00 0.00 ? 2 G   B "O2'"  1 
ATOM   332 C "C1'"  . G   B 1 2 ? -3.055  -0.780 10.283  1.00 0.00 ? 2 G   B "C1'"  1 
ATOM   333 N N9     . G   B 1 2 ? -3.730  -0.218 9.088   1.00 0.00 ? 2 G   B N9     1 
ATOM   334 C C8     . G   B 1 2 ? -3.930  1.090  8.722   1.00 0.00 ? 2 G   B C8     1 
ATOM   335 N N7     . G   B 1 2 ? -4.599  1.239  7.613   1.00 0.00 ? 2 G   B N7     1 
ATOM   336 C C5     . G   B 1 2 ? -4.853  -0.066 7.194   1.00 0.00 ? 2 G   B C5     1 
ATOM   337 C C6     . G   B 1 2 ? -5.558  -0.567 6.047   1.00 0.00 ? 2 G   B C6     1 
ATOM   338 O O6     . G   B 1 2 ? -6.140  0.059  5.164   1.00 0.00 ? 2 G   B O6     1 
ATOM   339 N N1     . G   B 1 2 ? -5.538  -1.955 5.970   1.00 0.00 ? 2 G   B N1     1 
ATOM   340 C C2     . G   B 1 2 ? -4.955  -2.773 6.909   1.00 0.00 ? 2 G   B C2     1 
ATOM   341 N N2     . G   B 1 2 ? -5.001  -4.080 6.687   1.00 0.00 ? 2 G   B N2     1 
ATOM   342 N N3     . G   B 1 2 ? -4.331  -2.324 8.004   1.00 0.00 ? 2 G   B N3     1 
ATOM   343 C C4     . G   B 1 2 ? -4.306  -0.962 8.086   1.00 0.00 ? 2 G   B C4     1 
ATOM   344 H "H5'"  . G   B 1 2 ? -1.508  2.180  12.638  1.00 0.00 ? 2 G   B "H5'"  1 
ATOM   345 H "H5''" . G   B 1 2 ? 0.005   1.983  11.736  1.00 0.00 ? 2 G   B "H5''" 1 
ATOM   346 H "H4'"  . G   B 1 2 ? -1.092  -0.183 12.276  1.00 0.00 ? 2 G   B "H4'"  1 
ATOM   347 H "H3'"  . G   B 1 2 ? -0.876  0.568  9.351   1.00 0.00 ? 2 G   B "H3'"  1 
ATOM   348 H "H2'"  . G   B 1 2 ? -1.648  -1.670 8.867   1.00 0.00 ? 2 G   B "H2'"  1 
ATOM   349 H "HO2'" . G   B 1 2 ? -0.449  -2.571 10.759  1.00 0.00 ? 2 G   B "HO2'" 1 
ATOM   350 H "H1'"  . G   B 1 2 ? -3.678  -1.579 10.686  1.00 0.00 ? 2 G   B "H1'"  1 
ATOM   351 H H8     . G   B 1 2 ? -3.576  1.926  9.306   1.00 0.00 ? 2 G   B H8     1 
ATOM   352 H H1     . G   B 1 2 ? -5.990  -2.368 5.165   1.00 0.00 ? 2 G   B H1     1 
ATOM   353 H H21    . G   B 1 2 ? -5.425  -4.445 5.837   1.00 0.00 ? 2 G   B H21    1 
ATOM   354 H H22    . G   B 1 2 ? -4.579  -4.690 7.366   1.00 0.00 ? 2 G   B H22    1 
ATOM   355 P P      . C   B 1 3 ? 1.630   -0.625 9.144   1.00 0.00 ? 3 C   B P      1 
ATOM   356 O OP1    . C   B 1 3 ? 2.950   -0.988 9.706   1.00 0.00 ? 3 C   B OP1    1 
ATOM   357 O OP2    . C   B 1 3 ? 1.493   0.595  8.319   1.00 0.00 ? 3 C   B OP2    1 
ATOM   358 O "O5'"  . C   B 1 3 ? 1.075   -1.873 8.287   1.00 0.00 ? 3 C   B "O5'"  1 
ATOM   359 C "C5'"  . C   B 1 3 ? 1.255   -3.215 8.700   1.00 0.00 ? 3 C   B "C5'"  1 
ATOM   360 C "C4'"  . C   B 1 3 ? 0.516   -4.175 7.761   1.00 0.00 ? 3 C   B "C4'"  1 
ATOM   361 O "O4'"  . C   B 1 3 ? -0.866  -3.855 7.633   1.00 0.00 ? 3 C   B "O4'"  1 
ATOM   362 C "C3'"  . C   B 1 3 ? 1.087   -4.186 6.344   1.00 0.00 ? 3 C   B "C3'"  1 
ATOM   363 O "O3'"  . C   B 1 3 ? 2.238   -5.006 6.222   1.00 0.00 ? 3 C   B "O3'"  1 
ATOM   364 C "C2'"  . C   B 1 3 ? -0.100  -4.768 5.585   1.00 0.00 ? 3 C   B "C2'"  1 
ATOM   365 O "O2'"  . C   B 1 3 ? -0.169  -6.174 5.739   1.00 0.00 ? 3 C   B "O2'"  1 
ATOM   366 C "C1'"  . C   B 1 3 ? -1.293  -4.139 6.302   1.00 0.00 ? 3 C   B "C1'"  1 
ATOM   367 N N1     . C   B 1 3 ? -1.779  -2.932 5.567   1.00 0.00 ? 3 C   B N1     1 
ATOM   368 C C2     . C   B 1 3 ? -2.583  -3.132 4.438   1.00 0.00 ? 3 C   B C2     1 
ATOM   369 O O2     . C   B 1 3 ? -2.851  -4.261 4.029   1.00 0.00 ? 3 C   B O2     1 
ATOM   370 N N3     . C   B 1 3 ? -3.083  -2.054 3.777   1.00 0.00 ? 3 C   B N3     1 
ATOM   371 C C4     . C   B 1 3 ? -2.807  -0.817 4.190   1.00 0.00 ? 3 C   B C4     1 
ATOM   372 N N4     . C   B 1 3 ? -3.352  0.187  3.519   1.00 0.00 ? 3 C   B N4     1 
ATOM   373 C C5     . C   B 1 3 ? -1.968  -0.570 5.325   1.00 0.00 ? 3 C   B C5     1 
ATOM   374 C C6     . C   B 1 3 ? -1.469  -1.652 5.972   1.00 0.00 ? 3 C   B C6     1 
ATOM   375 H "H5'"  . C   B 1 3 ? 0.868   -3.345 9.710   1.00 0.00 ? 3 C   B "H5'"  1 
ATOM   376 H "H5''" . C   B 1 3 ? 2.318   -3.461 8.698   1.00 0.00 ? 3 C   B "H5''" 1 
ATOM   377 H "H4'"  . C   B 1 3 ? 0.597   -5.185 8.164   1.00 0.00 ? 3 C   B "H4'"  1 
ATOM   378 H "H3'"  . C   B 1 3 ? 1.280   -3.163 6.014   1.00 0.00 ? 3 C   B "H3'"  1 
ATOM   379 H "H2'"  . C   B 1 3 ? -0.067  -4.503 4.530   1.00 0.00 ? 3 C   B "H2'"  1 
ATOM   380 H "HO2'" . C   B 1 3 ? 0.735   -6.504 5.699   1.00 0.00 ? 3 C   B "HO2'" 1 
ATOM   381 H "H1'"  . C   B 1 3 ? -2.101  -4.871 6.336   1.00 0.00 ? 3 C   B "H1'"  1 
ATOM   382 H H41    . C   B 1 3 ? -3.959  -0.047 2.738   1.00 0.00 ? 3 C   B H41    1 
ATOM   383 H H42    . C   B 1 3 ? -3.234  1.137  3.827   1.00 0.00 ? 3 C   B H42    1 
ATOM   384 H H5     . C   B 1 3 ? -1.723  0.420  5.674   1.00 0.00 ? 3 C   B H5     1 
ATOM   385 H H6     . C   B 1 3 ? -0.828  -1.497 6.823   1.00 0.00 ? 3 C   B H6     1 
HETATM 386 N N1     . P5P B 1 4 ? -2.074  0.035  -0.014  1.00 0.00 ? 4 P5P B N1     1 
HETATM 387 C C2     . P5P B 1 4 ? -2.258  -1.148 -0.593  1.00 0.00 ? 4 P5P B C2     1 
HETATM 388 N N3     . P5P B 1 4 ? -1.751  -2.336 -0.249  1.00 0.00 ? 4 P5P B N3     1 
HETATM 389 C C4     . P5P B 1 4 ? -0.940  -2.229 0.843   1.00 0.00 ? 4 P5P B C4     1 
HETATM 390 C C5     . P5P B 1 4 ? -0.655  -1.076 1.537   1.00 0.00 ? 4 P5P B C5     1 
HETATM 391 C C6     . P5P B 1 4 ? -1.278  0.102  1.070   1.00 0.00 ? 4 P5P B C6     1 
HETATM 392 N N7     . P5P B 1 4 ? 0.233   -1.330 2.574   1.00 0.00 ? 4 P5P B N7     1 
HETATM 393 C C8     . P5P B 1 4 ? 0.448   -2.613 2.481   1.00 0.00 ? 4 P5P B C8     1 
HETATM 394 N N9     . P5P B 1 4 ? -0.249  -3.240 1.474   1.00 0.00 ? 4 P5P B N9     1 
HETATM 395 C "C1'"  . P5P B 1 4 ? -0.295  -4.682 1.116   1.00 0.00 ? 4 P5P B "C1'"  1 
HETATM 396 C "C2'"  . P5P B 1 4 ? 0.690   -5.031 -0.002  1.00 0.00 ? 4 P5P B "C2'"  1 
HETATM 397 O "O2'"  . P5P B 1 4 ? 0.178   -6.138 -0.729  1.00 0.00 ? 4 P5P B "O2'"  1 
HETATM 398 C "C3'"  . P5P B 1 4 ? 1.939   -5.411 0.794   1.00 0.00 ? 4 P5P B "C3'"  1 
HETATM 399 O "O3'"  . P5P B 1 4 ? 2.857   -6.243 0.098   1.00 0.00 ? 4 P5P B "O3'"  1 
HETATM 400 C "C4'"  . P5P B 1 4 ? 1.292   -6.150 1.966   1.00 0.00 ? 4 P5P B "C4'"  1 
HETATM 401 O "O4'"  . P5P B 1 4 ? 0.061   -5.487 2.235   1.00 0.00 ? 4 P5P B "O4'"  1 
HETATM 402 C "C5'"  . P5P B 1 4 ? 2.191   -6.250 3.204   1.00 0.00 ? 4 P5P B "C5'"  1 
HETATM 403 O "O5'"  . P5P B 1 4 ? 2.506   -4.964 3.701   1.00 0.00 ? 4 P5P B "O5'"  1 
HETATM 404 P P      . P5P B 1 4 ? 3.335   -4.750 5.067   1.00 0.00 ? 4 P5P B P      1 
HETATM 405 O OP1    . P5P B 1 4 ? 4.355   -5.817 5.166   1.00 0.00 ? 4 P5P B OP1    1 
HETATM 406 O OP2    . P5P B 1 4 ? 3.740   -3.331 5.134   1.00 0.00 ? 4 P5P B OP2    1 
HETATM 407 H H2     . P5P B 1 4 ? -2.931  -1.130 -1.431  1.00 0.00 ? 4 P5P B H2     1 
HETATM 408 H H6     . P5P B 1 4 ? -1.107  1.051  1.557   1.00 0.00 ? 4 P5P B H6     1 
HETATM 409 H H8     . P5P B 1 4 ? 1.109   -3.130 3.156   1.00 0.00 ? 4 P5P B H8     1 
HETATM 410 H "H1'"  . P5P B 1 4 ? -1.309  -4.924 0.794   1.00 0.00 ? 4 P5P B "H1'"  1 
HETATM 411 H "H2'"  . P5P B 1 4 ? 0.873   -4.182 -0.664  1.00 0.00 ? 4 P5P B "H2'"  1 
HETATM 412 H "HO2'" . P5P B 1 4 ? 0.883   -6.485 -1.288  1.00 0.00 ? 4 P5P B "HO2'" 1 
HETATM 413 H "H3'"  . P5P B 1 4 ? 2.434   -4.506 1.152   1.00 0.00 ? 4 P5P B "H3'"  1 
HETATM 414 H "H4'"  . P5P B 1 4 ? 1.058   -7.162 1.634   1.00 0.00 ? 4 P5P B "H4'"  1 
HETATM 415 H "H5'1" . P5P B 1 4 ? 1.675   -6.826 3.971   1.00 0.00 ? 4 P5P B "H5'1" 1 
HETATM 416 H "H5'2" . P5P B 1 4 ? 3.112   -6.769 2.938   1.00 0.00 ? 4 P5P B "H5'2" 1 
ATOM   417 P P      . A   B 1 5 ? 3.657   -5.754 -1.221  1.00 0.00 ? 5 A   B P      1 
ATOM   418 O OP1    . A   B 1 5 ? 4.972   -6.431 -1.248  1.00 0.00 ? 5 A   B OP1    1 
ATOM   419 O OP2    . A   B 1 5 ? 3.577   -4.280 -1.310  1.00 0.00 ? 5 A   B OP2    1 
ATOM   420 O "O5'"  . A   B 1 5 ? 2.733   -6.383 -2.389  1.00 0.00 ? 5 A   B "O5'"  1 
ATOM   421 C "C5'"  . A   B 1 5 ? 2.608   -7.784 -2.567  1.00 0.00 ? 5 A   B "C5'"  1 
ATOM   422 C "C4'"  . A   B 1 5 ? 1.712   -8.111 -3.768  1.00 0.00 ? 5 A   B "C4'"  1 
ATOM   423 O "O4'"  . A   B 1 5 ? 0.407   -7.557 -3.627  1.00 0.00 ? 5 A   B "O4'"  1 
ATOM   424 C "C3'"  . A   B 1 5 ? 2.259   -7.590 -5.097  1.00 0.00 ? 5 A   B "C3'"  1 
ATOM   425 O "O3'"  . A   B 1 5 ? 3.208   -8.447 -5.713  1.00 0.00 ? 5 A   B "O3'"  1 
ATOM   426 C "C2'"  . A   B 1 5 ? 0.978   -7.518 -5.922  1.00 0.00 ? 5 A   B "C2'"  1 
ATOM   427 O "O2'"  . A   B 1 5 ? 0.579   -8.794 -6.391  1.00 0.00 ? 5 A   B "O2'"  1 
ATOM   428 C "C1'"  . A   B 1 5 ? -0.018  -7.017 -4.878  1.00 0.00 ? 5 A   B "C1'"  1 
ATOM   429 N N9     . A   B 1 5 ? -0.020  -5.533 -4.835  1.00 0.00 ? 5 A   B N9     1 
ATOM   430 C C8     . A   B 1 5 ? 0.400   -4.706 -3.825  1.00 0.00 ? 5 A   B C8     1 
ATOM   431 N N7     . A   B 1 5 ? 0.217   -3.441 -4.051  1.00 0.00 ? 5 A   B N7     1 
ATOM   432 C C5     . A   B 1 5 ? -0.362  -3.412 -5.310  1.00 0.00 ? 5 A   B C5     1 
ATOM   433 C C6     . A   B 1 5 ? -0.830  -2.364 -6.130  1.00 0.00 ? 5 A   B C6     1 
ATOM   434 N N6     . A   B 1 5 ? -0.798  -1.087 -5.758  1.00 0.00 ? 5 A   B N6     1 
ATOM   435 N N1     . A   B 1 5 ? -1.356  -2.658 -7.333  1.00 0.00 ? 5 A   B N1     1 
ATOM   436 C C2     . A   B 1 5 ? -1.425  -3.939 -7.697  1.00 0.00 ? 5 A   B C2     1 
ATOM   437 N N3     . A   B 1 5 ? -1.034  -5.016 -7.017  1.00 0.00 ? 5 A   B N3     1 
ATOM   438 C C4     . A   B 1 5 ? -0.503  -4.684 -5.807  1.00 0.00 ? 5 A   B C4     1 
ATOM   439 H "H5'"  . A   B 1 5 ? 2.173   -8.228 -1.670  1.00 0.00 ? 5 A   B "H5'"  1 
ATOM   440 H "H5''" . A   B 1 5 ? 3.593   -8.222 -2.732  1.00 0.00 ? 5 A   B "H5''" 1 
ATOM   441 H "H4'"  . A   B 1 5 ? 1.611   -9.194 -3.844  1.00 0.00 ? 5 A   B "H4'"  1 
ATOM   442 H "H3'"  . A   B 1 5 ? 2.650   -6.583 -4.965  1.00 0.00 ? 5 A   B "H3'"  1 
ATOM   443 H "H2'"  . A   B 1 5 ? 1.076   -6.825 -6.755  1.00 0.00 ? 5 A   B "H2'"  1 
ATOM   444 H "HO2'" . A   B 1 5 ? 1.365   -9.239 -6.721  1.00 0.00 ? 5 A   B "HO2'" 1 
ATOM   445 H "H1'"  . A   B 1 5 ? -1.021  -7.367 -5.125  1.00 0.00 ? 5 A   B "H1'"  1 
ATOM   446 H H8     . A   B 1 5 ? 0.831   -5.061 -2.906  1.00 0.00 ? 5 A   B H8     1 
ATOM   447 H H61    . A   B 1 5 ? -1.218  -0.383 -6.344  1.00 0.00 ? 5 A   B H61    1 
ATOM   448 H H62    . A   B 1 5 ? -0.417  -0.858 -4.847  1.00 0.00 ? 5 A   B H62    1 
ATOM   449 H H2     . A   B 1 5 ? -1.856  -4.128 -8.668  1.00 0.00 ? 5 A   B H2     1 
ATOM   450 P P      . G   B 1 6 ? 4.704   -7.941 -6.050  1.00 0.00 ? 6 G   B P      1 
ATOM   451 O OP1    . G   B 1 6 ? 5.375   -8.983 -6.859  1.00 0.00 ? 6 G   B OP1    1 
ATOM   452 O OP2    . G   B 1 6 ? 5.324   -7.463 -4.796  1.00 0.00 ? 6 G   B OP2    1 
ATOM   453 O "O5'"  . G   B 1 6 ? 4.420   -6.661 -6.991  1.00 0.00 ? 6 G   B "O5'"  1 
ATOM   454 C "C5'"  . G   B 1 6 ? 3.790   -6.780 -8.253  1.00 0.00 ? 6 G   B "C5'"  1 
ATOM   455 C "C4'"  . G   B 1 6 ? 3.185   -5.434 -8.665  1.00 0.00 ? 6 G   B "C4'"  1 
ATOM   456 O "O4'"  . G   B 1 6 ? 2.288   -4.957 -7.670  1.00 0.00 ? 6 G   B "O4'"  1 
ATOM   457 C "C3'"  . G   B 1 6 ? 4.210   -4.321 -8.870  1.00 0.00 ? 6 G   B "C3'"  1 
ATOM   458 O "O3'"  . G   B 1 6 ? 4.864   -4.400 -10.128 1.00 0.00 ? 6 G   B "O3'"  1 
ATOM   459 C "C2'"  . G   B 1 6 ? 3.307   -3.096 -8.715  1.00 0.00 ? 6 G   B "C2'"  1 
ATOM   460 O "O2'"  . G   B 1 6 ? 2.502   -2.835 -9.852  1.00 0.00 ? 6 G   B "O2'"  1 
ATOM   461 C "C1'"  . G   B 1 6 ? 2.392   -3.544 -7.576  1.00 0.00 ? 6 G   B "C1'"  1 
ATOM   462 N N9     . G   B 1 6 ? 2.953   -3.117 -6.271  1.00 0.00 ? 6 G   B N9     1 
ATOM   463 C C8     . G   B 1 6 ? 3.649   -3.842 -5.337  1.00 0.00 ? 6 G   B C8     1 
ATOM   464 N N7     . G   B 1 6 ? 4.070   -3.145 -4.321  1.00 0.00 ? 6 G   B N7     1 
ATOM   465 C C5     . G   B 1 6 ? 3.623   -1.854 -4.592  1.00 0.00 ? 6 G   B C5     1 
ATOM   466 C C6     . G   B 1 6 ? 3.789   -0.634 -3.857  1.00 0.00 ? 6 G   B C6     1 
ATOM   467 O O6     . G   B 1 6 ? 4.364   -0.451 -2.787  1.00 0.00 ? 6 G   B O6     1 
ATOM   468 N N1     . G   B 1 6 ? 3.207   0.457  -4.493  1.00 0.00 ? 6 G   B N1     1 
ATOM   469 C C2     . G   B 1 6 ? 2.534   0.386  -5.689  1.00 0.00 ? 6 G   B C2     1 
ATOM   470 N N2     . G   B 1 6 ? 2.045   1.520  -6.172  1.00 0.00 ? 6 G   B N2     1 
ATOM   471 N N3     . G   B 1 6 ? 2.380   -0.743 -6.394  1.00 0.00 ? 6 G   B N3     1 
ATOM   472 C C4     . G   B 1 6 ? 2.940   -1.830 -5.788  1.00 0.00 ? 6 G   B C4     1 
ATOM   473 H "H5'"  . G   B 1 6 ? 2.983   -7.512 -8.197  1.00 0.00 ? 6 G   B "H5'"  1 
ATOM   474 H "H5''" . G   B 1 6 ? 4.513   -7.107 -9.000  1.00 0.00 ? 6 G   B "H5''" 1 
ATOM   475 H "H4'"  . G   B 1 6 ? 2.631   -5.562 -9.595  1.00 0.00 ? 6 G   B "H4'"  1 
ATOM   476 H "H3'"  . G   B 1 6 ? 4.934   -4.346 -8.054  1.00 0.00 ? 6 G   B "H3'"  1 
ATOM   477 H "H2'"  . G   B 1 6 ? 3.883   -2.211 -8.450  1.00 0.00 ? 6 G   B "H2'"  1 
ATOM   478 H "HO2'" . G   B 1 6 ? 2.061   -1.989 -9.729  1.00 0.00 ? 6 G   B "HO2'" 1 
ATOM   479 H "H1'"  . G   B 1 6 ? 1.405   -3.100 -7.692  1.00 0.00 ? 6 G   B "H1'"  1 
ATOM   480 H H8     . G   B 1 6 ? 3.841   -4.897 -5.433  1.00 0.00 ? 6 G   B H8     1 
ATOM   481 H H1     . G   B 1 6 ? 3.286   1.347  -4.019  1.00 0.00 ? 6 G   B H1     1 
ATOM   482 H H21    . G   B 1 6 ? 2.190   2.393  -5.668  1.00 0.00 ? 6 G   B H21    1 
ATOM   483 H H22    . G   B 1 6 ? 1.551   1.498  -7.048  1.00 0.00 ? 6 G   B H22    1 
ATOM   484 P P      . C   B 1 7 ? 6.289   -3.686 -10.397 1.00 0.00 ? 7 C   B P      1 
ATOM   485 O OP1    . C   B 1 7 ? 6.681   -3.955 -11.798 1.00 0.00 ? 7 C   B OP1    1 
ATOM   486 O OP2    . C   B 1 7 ? 7.205   -4.060 -9.297  1.00 0.00 ? 7 C   B OP2    1 
ATOM   487 O "O5'"  . C   B 1 7 ? 5.971   -2.111 -10.254 1.00 0.00 ? 7 C   B "O5'"  1 
ATOM   488 C "C5'"  . C   B 1 7 ? 5.230   -1.403 -11.229 1.00 0.00 ? 7 C   B "C5'"  1 
ATOM   489 C "C4'"  . C   B 1 7 ? 4.957   0.034  -10.766 1.00 0.00 ? 7 C   B "C4'"  1 
ATOM   490 O "O4'"  . C   B 1 7 ? 4.272   0.091  -9.518  1.00 0.00 ? 7 C   B "O4'"  1 
ATOM   491 C "C3'"  . C   B 1 7 ? 6.230   0.858  -10.581 1.00 0.00 ? 7 C   B "C3'"  1 
ATOM   492 O "O3'"  . C   B 1 7 ? 6.774   1.325  -11.808 1.00 0.00 ? 7 C   B "O3'"  1 
ATOM   493 C "C2'"  . C   B 1 7 ? 5.685   1.981  -9.703  1.00 0.00 ? 7 C   B "C2'"  1 
ATOM   494 O "O2'"  . C   B 1 7 ? 4.931   2.918  -10.450 1.00 0.00 ? 7 C   B "O2'"  1 
ATOM   495 C "C1'"  . C   B 1 7 ? 4.737   1.219  -8.776  1.00 0.00 ? 7 C   B "C1'"  1 
ATOM   496 N N1     . C   B 1 7 ? 5.428   0.845  -7.503  1.00 0.00 ? 7 C   B N1     1 
ATOM   497 C C2     . C   B 1 7 ? 5.605   1.841  -6.532  1.00 0.00 ? 7 C   B C2     1 
ATOM   498 O O2     . C   B 1 7 ? 5.216   2.994  -6.717  1.00 0.00 ? 7 C   B O2     1 
ATOM   499 N N3     . C   B 1 7 ? 6.227   1.531  -5.362  1.00 0.00 ? 7 C   B N3     1 
ATOM   500 C C4     . C   B 1 7 ? 6.669   0.294  -5.136  1.00 0.00 ? 7 C   B C4     1 
ATOM   501 N N4     . C   B 1 7 ? 7.247   0.044  -3.970  1.00 0.00 ? 7 C   B N4     1 
ATOM   502 C C5     . C   B 1 7 ? 6.523   -0.747 -6.110  1.00 0.00 ? 7 C   B C5     1 
ATOM   503 C C6     . C   B 1 7 ? 5.904   -0.426 -7.273  1.00 0.00 ? 7 C   B C6     1 
ATOM   504 H "H5'"  . C   B 1 7 ? 4.280   -1.904 -11.409 1.00 0.00 ? 7 C   B "H5'"  1 
ATOM   505 H "H5''" . C   B 1 7 ? 5.791   -1.376 -12.164 1.00 0.00 ? 7 C   B "H5''" 1 
ATOM   506 H "H4'"  . C   B 1 7 ? 4.339   0.528  -11.517 1.00 0.00 ? 7 C   B "H4'"  1 
ATOM   507 H "H3'"  . C   B 1 7 ? 6.962   0.273  -10.021 1.00 0.00 ? 7 C   B "H3'"  1 
ATOM   508 H "H2'"  . C   B 1 7 ? 6.478   2.486  -9.156  1.00 0.00 ? 7 C   B "H2'"  1 
ATOM   509 H "HO2'" . C   B 1 7 ? 5.449   3.166  -11.220 1.00 0.00 ? 7 C   B "HO2'" 1 
ATOM   510 H "H1'"  . C   B 1 7 ? 3.891   1.865  -8.534  1.00 0.00 ? 7 C   B "H1'"  1 
ATOM   511 H H41    . C   B 1 7 ? 7.312   0.802  -3.298  1.00 0.00 ? 7 C   B H41    1 
ATOM   512 H H42    . C   B 1 7 ? 7.530   -0.891 -3.730  1.00 0.00 ? 7 C   B H42    1 
ATOM   513 H H5     . C   B 1 7 ? 6.874   -1.755 -5.950  1.00 0.00 ? 7 C   B H5     1 
ATOM   514 H H6     . C   B 1 7 ? 5.782   -1.192 -8.020  1.00 0.00 ? 7 C   B H6     1 
ATOM   515 P P      . C   B 1 8 ? 8.332   1.741  -11.949 1.00 0.00 ? 8 C   B P      1 
ATOM   516 O OP1    . C   B 1 8 ? 8.584   2.095  -13.363 1.00 0.00 ? 8 C   B OP1    1 
ATOM   517 O OP2    . C   B 1 8 ? 9.152   0.700  -11.295 1.00 0.00 ? 8 C   B OP2    1 
ATOM   518 O "O5'"  . C   B 1 8 ? 8.435   3.085  -11.063 1.00 0.00 ? 8 C   B "O5'"  1 
ATOM   519 C "C5'"  . C   B 1 8 ? 7.925   4.325  -11.514 1.00 0.00 ? 8 C   B "C5'"  1 
ATOM   520 C "C4'"  . C   B 1 8 ? 8.011   5.381  -10.407 1.00 0.00 ? 8 C   B "C4'"  1 
ATOM   521 O "O4'"  . C   B 1 8 ? 7.339   4.967  -9.223  1.00 0.00 ? 8 C   B "O4'"  1 
ATOM   522 C "C3'"  . C   B 1 8 ? 9.441   5.708  -9.980  1.00 0.00 ? 8 C   B "C3'"  1 
ATOM   523 O "O3'"  . C   B 1 8 ? 10.111  6.604  -10.854 1.00 0.00 ? 8 C   B "O3'"  1 
ATOM   524 C "C2'"  . C   B 1 8 ? 9.165   6.348  -8.624  1.00 0.00 ? 8 C   B "C2'"  1 
ATOM   525 O "O2'"  . C   B 1 8 ? 8.696   7.678  -8.758  1.00 0.00 ? 8 C   B "O2'"  1 
ATOM   526 C "C1'"  . C   B 1 8 ? 8.030   5.481  -8.086  1.00 0.00 ? 8 C   B "C1'"  1 
ATOM   527 N N1     . C   B 1 8 ? 8.568   4.418  -7.187  1.00 0.00 ? 8 C   B N1     1 
ATOM   528 C C2     . C   B 1 8 ? 8.927   4.784  -5.882  1.00 0.00 ? 8 C   B C2     1 
ATOM   529 O O2     . C   B 1 8 ? 8.855   5.950  -5.499  1.00 0.00 ? 8 C   B O2     1 
ATOM   530 N N3     . C   B 1 8 ? 9.379   3.834  -5.025  1.00 0.00 ? 8 C   B N3     1 
ATOM   531 C C4     . C   B 1 8 ? 9.502   2.568  -5.419  1.00 0.00 ? 8 C   B C4     1 
ATOM   532 N N4     . C   B 1 8 ? 9.942   1.694  -4.525  1.00 0.00 ? 8 C   B N4     1 
ATOM   533 C C5     . C   B 1 8 ? 9.215   2.165  -6.763  1.00 0.00 ? 8 C   B C5     1 
ATOM   534 C C6     . C   B 1 8 ? 8.759   3.121  -7.611  1.00 0.00 ? 8 C   B C6     1 
ATOM   535 H "H5'"  . C   B 1 8 ? 6.882   4.211  -11.809 1.00 0.00 ? 8 C   B "H5'"  1 
ATOM   536 H "H5''" . C   B 1 8 ? 8.498   4.665  -12.379 1.00 0.00 ? 8 C   B "H5''" 1 
ATOM   537 H "H4'"  . C   B 1 8 ? 7.542   6.299  -10.764 1.00 0.00 ? 8 C   B "H4'"  1 
ATOM   538 H "H3'"  . C   B 1 8 ? 10.003  4.782  -9.847  1.00 0.00 ? 8 C   B "H3'"  1 
ATOM   539 H "H2'"  . C   B 1 8 ? 10.044  6.318  -7.984  1.00 0.00 ? 8 C   B "H2'"  1 
ATOM   540 H "HO2'" . C   B 1 8 ? 9.198   8.095  -9.466  1.00 0.00 ? 8 C   B "HO2'" 1 
ATOM   541 H "H1'"  . C   B 1 8 ? 7.351   6.112  -7.509  1.00 0.00 ? 8 C   B "H1'"  1 
ATOM   542 H H41    . C   B 1 8 ? 10.144  2.037  -3.592  1.00 0.00 ? 8 C   B H41    1 
ATOM   543 H H42    . C   B 1 8 ? 10.078  0.729  -4.773  1.00 0.00 ? 8 C   B H42    1 
ATOM   544 H H5     . C   B 1 8 ? 9.345   1.152  -7.113  1.00 0.00 ? 8 C   B H5     1 
ATOM   545 H H6     . C   B 1 8 ? 8.540   2.850  -8.630  1.00 0.00 ? 8 C   B H6     1 
ATOM   546 P P      . U   B 1 9 ? 11.724  6.642  -10.952 1.00 0.00 ? 9 U   B P      1 
ATOM   547 O OP1    . U   B 1 9 ? 12.103  7.753  -11.852 1.00 0.00 ? 9 U   B OP1    1 
ATOM   548 O OP2    . U   B 1 9 ? 12.194  5.269  -11.242 1.00 0.00 ? 9 U   B OP2    1 
ATOM   549 O "O5'"  . U   B 1 9 ? 12.194  7.015  -9.450  1.00 0.00 ? 9 U   B "O5'"  1 
ATOM   550 C "C5'"  . U   B 1 9 ? 12.118  8.333  -8.934  1.00 0.00 ? 9 U   B "C5'"  1 
ATOM   551 C "C4'"  . U   B 1 9 ? 12.553  8.370  -7.462  1.00 0.00 ? 9 U   B "C4'"  1 
ATOM   552 O "O4'"  . U   B 1 9 ? 11.753  7.527  -6.641  1.00 0.00 ? 9 U   B "O4'"  1 
ATOM   553 C "C3'"  . U   B 1 9 ? 13.998  7.923  -7.243  1.00 0.00 ? 9 U   B "C3'"  1 
ATOM   554 O "O3'"  . U   B 1 9 ? 14.941  8.946  -7.485  1.00 0.00 ? 9 U   B "O3'"  1 
ATOM   555 C "C2'"  . U   B 1 9 ? 13.969  7.546  -5.765  1.00 0.00 ? 9 U   B "C2'"  1 
ATOM   556 O "O2'"  . U   B 1 9 ? 14.109  8.681  -4.923  1.00 0.00 ? 9 U   B "O2'"  1 
ATOM   557 C "C1'"  . U   B 1 9 ? 12.558  6.966  -5.609  1.00 0.00 ? 9 U   B "C1'"  1 
ATOM   558 N N1     . U   B 1 9 ? 12.599  5.475  -5.649  1.00 0.00 ? 9 U   B N1     1 
ATOM   559 C C2     . U   B 1 9 ? 12.968  4.813  -4.471  1.00 0.00 ? 9 U   B C2     1 
ATOM   560 O O2     . U   B 1 9 ? 13.241  5.404  -3.428  1.00 0.00 ? 9 U   B O2     1 
ATOM   561 N N3     . U   B 1 9 ? 13.040  3.427  -4.527  1.00 0.00 ? 9 U   B N3     1 
ATOM   562 C C4     . U   B 1 9 ? 12.851  2.656  -5.662  1.00 0.00 ? 9 U   B C4     1 
ATOM   563 O O4     . U   B 1 9 ? 12.977  1.437  -5.608  1.00 0.00 ? 9 U   B O4     1 
ATOM   564 C C5     . U   B 1 9 ? 12.508  3.415  -6.848  1.00 0.00 ? 9 U   B C5     1 
ATOM   565 C C6     . U   B 1 9 ? 12.392  4.767  -6.814  1.00 0.00 ? 9 U   B C6     1 
ATOM   566 H "H5'"  . U   B 1 9 ? 11.097  8.703  -9.010  1.00 0.00 ? 9 U   B "H5'"  1 
ATOM   567 H "H5''" . U   B 1 9 ? 12.771  8.988  -9.512  1.00 0.00 ? 9 U   B "H5''" 1 
ATOM   568 H "H4'"  . U   B 1 9 ? 12.451  9.391  -7.093  1.00 0.00 ? 9 U   B "H4'"  1 
ATOM   569 H "H3'"  . U   B 1 9 ? 14.218  7.042  -7.846  1.00 0.00 ? 9 U   B "H3'"  1 
ATOM   570 H "HO3'" . U   B 1 9 ? 14.986  9.466  -6.674  1.00 0.00 ? 9 U   B "HO3'" 1 
ATOM   571 H "H2'"  . U   B 1 9 ? 14.745  6.811  -5.535  1.00 0.00 ? 9 U   B "H2'"  1 
ATOM   572 H "HO2'" . U   B 1 9 ? 14.107  8.392  -4.006  1.00 0.00 ? 9 U   B "HO2'" 1 
ATOM   573 H "H1'"  . U   B 1 9 ? 12.147  7.270  -4.645  1.00 0.00 ? 9 U   B "H1'"  1 
ATOM   574 H H3     . U   B 1 9 ? 13.247  2.940  -3.671  1.00 0.00 ? 9 U   B H3     1 
ATOM   575 H H5     . U   B 1 9 ? 12.340  2.882  -7.772  1.00 0.00 ? 9 U   B H5     1 
ATOM   576 H H6     . U   B 1 9 ? 12.136  5.290  -7.721  1.00 0.00 ? 9 U   B H6     1 
# 
